data_8D76
#
_entry.id   8D76
#
_cell.length_a   41.535
_cell.length_b   50.316
_cell.length_c   85.875
_cell.angle_alpha   104.190
_cell.angle_beta   101.730
_cell.angle_gamma   90.120
#
_symmetry.space_group_name_H-M   'P 1'
#
loop_
_entity.id
_entity.type
_entity.pdbx_description
1 polymer 'Epidermal growth factor receptor'
2 non-polymer GLYCEROL
3 non-polymer (3S,4R)-3-fluoro-1-(4-{[8-{3-[(methanesulfonyl)methyl]azetidin-1-yl}-5-(propan-2-yl)-2,7-naphthyridin-3-yl]amino}pyrimidin-2-yl)-3-methylpiperidin-4-ol
4 water water
#
_entity_poly.entity_id   1
_entity_poly.type   'polypeptide(L)'
_entity_poly.pdbx_seq_one_letter_code
;MGSSHHHHHHSSGENLYFQGSGEAPNQALLRILKETEFKKIKVLGSGAFGTVYKGLWIPEGEKVKIPVAIKELREATSPK
ANKEILDEAYVMASVDNPHVCRLLGICLTSTVQLIMQLMPFGCLLDYVREHKDNIGSQYLLNWCVQIAKGMNYLEDRRLV
HRDLAARNVLVKTPQHVKITDFGRAKLLGAEEKEYHAEGGKVPIKWMALESILHRIYTHQSDVWSYGVTVWELMTFGSKP
YDGIPASEISSILEKGERLPQPPICTIDVYMIMRKCWMIDADSRPKFRELIIEFSKMARDPQRYLVIQGDERMHLPSPTD
SNFYRALMDEEDMDDVVDADEYLIPQQG
;
_entity_poly.pdbx_strand_id   A,B
#
loop_
_chem_comp.id
_chem_comp.type
_chem_comp.name
_chem_comp.formula
GOL non-polymer GLYCEROL 'C3 H8 O3'
QFO non-polymer (3S,4R)-3-fluoro-1-(4-{[8-{3-[(methanesulfonyl)methyl]azetidin-1-yl}-5-(propan-2-yl)-2,7-naphthyridin-3-yl]amino}pyrimidin-2-yl)-3-methylpiperidin-4-ol 'C26 H34 F N7 O3 S'
#
# COMPACT_ATOMS: atom_id res chain seq x y z
N LEU A 29 -20.50 9.40 -20.40
CA LEU A 29 -20.24 7.94 -20.13
C LEU A 29 -19.47 7.79 -18.83
N LEU A 30 -18.59 8.76 -18.52
CA LEU A 30 -17.89 8.89 -17.21
C LEU A 30 -18.83 9.58 -16.22
N ARG A 31 -19.40 8.81 -15.28
CA ARG A 31 -20.40 9.26 -14.28
C ARG A 31 -19.64 9.71 -13.02
N ILE A 32 -19.52 11.03 -12.85
CA ILE A 32 -18.83 11.64 -11.68
C ILE A 32 -19.81 11.62 -10.51
N LEU A 33 -19.48 10.86 -9.45
CA LEU A 33 -20.32 10.65 -8.25
C LEU A 33 -19.72 11.37 -7.05
N LYS A 34 -20.50 11.46 -5.98
CA LYS A 34 -20.07 11.96 -4.66
C LYS A 34 -19.42 10.79 -3.90
N GLU A 35 -18.16 10.96 -3.47
CA GLU A 35 -17.39 10.00 -2.64
C GLU A 35 -18.22 9.59 -1.41
N THR A 36 -18.93 10.54 -0.79
CA THR A 36 -19.64 10.37 0.51
C THR A 36 -20.82 9.40 0.36
N GLU A 37 -21.23 9.08 -0.88
CA GLU A 37 -22.31 8.10 -1.17
C GLU A 37 -21.72 6.67 -1.27
N PHE A 38 -20.47 6.47 -0.87
CA PHE A 38 -19.76 5.17 -0.91
C PHE A 38 -19.13 4.86 0.44
N LYS A 39 -19.32 3.63 0.92
CA LYS A 39 -18.74 3.13 2.18
C LYS A 39 -17.76 1.99 1.86
N LYS A 40 -16.50 2.14 2.23
CA LYS A 40 -15.48 1.06 2.09
C LYS A 40 -15.69 0.09 3.27
N ILE A 41 -15.94 -1.19 2.98
CA ILE A 41 -16.20 -2.25 3.99
CA ILE A 41 -16.17 -2.21 4.04
C ILE A 41 -14.96 -3.14 4.14
N LYS A 42 -14.28 -3.48 3.04
CA LYS A 42 -13.12 -4.39 3.04
C LYS A 42 -12.06 -3.95 2.02
N VAL A 43 -10.78 -4.13 2.38
CA VAL A 43 -9.65 -4.02 1.41
C VAL A 43 -9.56 -5.37 0.72
N LEU A 44 -9.74 -5.41 -0.60
CA LEU A 44 -9.69 -6.65 -1.41
C LEU A 44 -8.28 -6.83 -1.99
N GLY A 45 -7.57 -5.74 -2.22
CA GLY A 45 -6.21 -5.74 -2.78
C GLY A 45 -5.53 -4.41 -2.63
N SER A 46 -4.20 -4.42 -2.52
CA SER A 46 -3.33 -3.23 -2.48
C SER A 46 -1.98 -3.57 -3.11
N GLY A 47 -1.41 -2.61 -3.84
CA GLY A 47 -0.25 -2.83 -4.71
C GLY A 47 0.10 -1.59 -5.48
N ALA A 48 0.77 -1.75 -6.62
CA ALA A 48 1.21 -0.66 -7.52
C ALA A 48 -0.02 0.12 -7.98
N PHE A 49 -1.08 -0.60 -8.37
CA PHE A 49 -2.38 -0.06 -8.85
C PHE A 49 -3.03 0.85 -7.81
N GLY A 50 -2.56 0.82 -6.56
CA GLY A 50 -3.21 1.48 -5.41
C GLY A 50 -3.90 0.47 -4.51
N THR A 51 -5.16 0.73 -4.16
CA THR A 51 -5.99 -0.14 -3.27
C THR A 51 -7.36 -0.38 -3.91
N VAL A 52 -7.84 -1.63 -3.88
CA VAL A 52 -9.22 -2.01 -4.30
C VAL A 52 -9.98 -2.37 -3.03
N TYR A 53 -11.16 -1.78 -2.85
CA TYR A 53 -12.07 -2.05 -1.71
C TYR A 53 -13.35 -2.69 -2.23
N LYS A 54 -13.87 -3.67 -1.48
CA LYS A 54 -15.31 -3.97 -1.45
C LYS A 54 -15.97 -2.74 -0.81
N GLY A 55 -16.97 -2.15 -1.48
CA GLY A 55 -17.67 -0.95 -0.98
C GLY A 55 -19.16 -1.06 -1.16
N LEU A 56 -19.91 -0.15 -0.56
CA LEU A 56 -21.39 -0.09 -0.65
C LEU A 56 -21.79 1.26 -1.22
N TRP A 57 -22.57 1.28 -2.30
CA TRP A 57 -23.28 2.50 -2.75
C TRP A 57 -24.51 2.69 -1.84
N ILE A 58 -24.50 3.75 -1.03
CA ILE A 58 -25.59 4.13 -0.09
C ILE A 58 -26.02 5.57 -0.40
N PRO A 59 -26.85 5.80 -1.46
CA PRO A 59 -27.27 7.16 -1.81
C PRO A 59 -28.46 7.72 -1.02
N GLU A 60 -29.26 6.86 -0.35
CA GLU A 60 -30.54 7.25 0.31
C GLU A 60 -30.59 6.68 1.73
N GLY A 61 -29.84 7.29 2.66
CA GLY A 61 -29.77 6.88 4.08
C GLY A 61 -29.49 5.39 4.24
N GLU A 62 -30.54 4.58 4.33
CA GLU A 62 -30.47 3.12 4.67
C GLU A 62 -31.20 2.26 3.65
N LYS A 63 -31.93 2.86 2.69
CA LYS A 63 -32.87 2.12 1.80
C LYS A 63 -32.09 1.19 0.87
N VAL A 64 -31.08 1.70 0.16
CA VAL A 64 -30.30 0.90 -0.86
C VAL A 64 -28.83 0.86 -0.42
N LYS A 65 -28.27 -0.35 -0.30
CA LYS A 65 -26.83 -0.60 -0.03
C LYS A 65 -26.34 -1.62 -1.06
N ILE A 66 -25.75 -1.14 -2.16
CA ILE A 66 -25.40 -1.95 -3.36
C ILE A 66 -23.89 -2.19 -3.41
N PRO A 67 -23.43 -3.46 -3.45
CA PRO A 67 -22.01 -3.76 -3.45
C PRO A 67 -21.33 -3.35 -4.75
N VAL A 68 -20.19 -2.67 -4.63
CA VAL A 68 -19.30 -2.22 -5.75
C VAL A 68 -17.87 -2.62 -5.37
N ALA A 69 -16.96 -2.53 -6.34
CA ALA A 69 -15.50 -2.54 -6.10
C ALA A 69 -15.03 -1.11 -6.32
N ILE A 70 -14.16 -0.64 -5.44
CA ILE A 70 -13.62 0.74 -5.50
C ILE A 70 -12.10 0.64 -5.55
N LYS A 71 -11.52 1.12 -6.65
CA LYS A 71 -10.06 1.26 -6.85
C LYS A 71 -9.69 2.70 -6.53
N GLU A 72 -8.80 2.91 -5.56
CA GLU A 72 -8.43 4.26 -5.08
C GLU A 72 -6.97 4.51 -5.45
N LEU A 73 -6.72 5.61 -6.16
CA LEU A 73 -5.40 6.21 -6.41
C LEU A 73 -4.74 6.53 -5.08
N ARG A 74 -3.52 5.98 -4.87
CA ARG A 74 -2.65 6.23 -3.69
C ARG A 74 -1.93 7.56 -3.87
N GLU A 75 -1.26 7.74 -5.02
CA GLU A 75 -0.40 8.91 -5.31
C GLU A 75 -1.30 10.06 -5.78
N ALA A 76 -2.17 10.51 -4.89
CA ALA A 76 -3.20 11.55 -5.12
C ALA A 76 -2.66 12.70 -5.98
N THR A 77 -1.42 13.15 -5.74
CA THR A 77 -0.88 14.42 -6.27
C THR A 77 0.06 14.17 -7.46
N SER A 78 0.38 12.91 -7.76
CA SER A 78 1.26 12.52 -8.89
C SER A 78 0.58 12.86 -10.21
N PRO A 79 1.16 13.78 -11.02
CA PRO A 79 0.59 14.09 -12.33
C PRO A 79 0.55 12.84 -13.20
N LYS A 80 1.60 12.01 -13.15
CA LYS A 80 1.68 10.77 -13.97
C LYS A 80 0.60 9.80 -13.50
N ALA A 81 0.50 9.55 -12.18
CA ALA A 81 -0.48 8.57 -11.63
C ALA A 81 -1.89 9.06 -11.93
N ASN A 82 -2.16 10.35 -11.82
CA ASN A 82 -3.47 10.93 -12.19
C ASN A 82 -3.75 10.68 -13.67
N LYS A 83 -2.77 10.85 -14.56
CA LYS A 83 -2.93 10.57 -16.02
C LYS A 83 -3.30 9.10 -16.23
N GLU A 84 -2.66 8.18 -15.54
CA GLU A 84 -2.82 6.73 -15.80
C GLU A 84 -4.24 6.30 -15.41
N ILE A 85 -4.75 6.70 -14.24
CA ILE A 85 -6.09 6.27 -13.75
C ILE A 85 -7.18 7.00 -14.54
N LEU A 86 -6.92 8.21 -15.04
CA LEU A 86 -7.92 8.96 -15.84
C LEU A 86 -7.96 8.39 -17.26
N ASP A 87 -6.84 7.93 -17.82
CA ASP A 87 -6.82 7.19 -19.12
C ASP A 87 -7.53 5.84 -18.93
N GLU A 88 -7.26 5.16 -17.82
CA GLU A 88 -7.90 3.85 -17.50
C GLU A 88 -9.43 4.04 -17.47
N ALA A 89 -9.90 4.97 -16.67
CA ALA A 89 -11.33 5.32 -16.49
C ALA A 89 -11.95 5.62 -17.84
N TYR A 90 -11.32 6.47 -18.66
CA TYR A 90 -11.78 6.83 -20.03
C TYR A 90 -11.99 5.54 -20.85
N VAL A 91 -10.98 4.68 -21.01
CA VAL A 91 -11.11 3.42 -21.82
C VAL A 91 -12.19 2.53 -21.19
N MET A 92 -12.17 2.33 -19.89
CA MET A 92 -13.04 1.35 -19.18
C MET A 92 -14.50 1.80 -19.24
N ALA A 93 -14.77 3.09 -19.45
CA ALA A 93 -16.16 3.62 -19.48
C ALA A 93 -16.75 3.39 -20.87
N SER A 94 -15.89 3.16 -21.86
CA SER A 94 -16.23 3.08 -23.31
C SER A 94 -16.62 1.65 -23.70
N VAL A 95 -16.63 0.69 -22.76
CA VAL A 95 -16.71 -0.76 -23.08
C VAL A 95 -17.97 -1.34 -22.46
N ASP A 96 -18.80 -1.94 -23.31
CA ASP A 96 -20.09 -2.55 -22.94
C ASP A 96 -20.14 -3.93 -23.61
N ASN A 97 -19.76 -4.97 -22.86
CA ASN A 97 -19.71 -6.37 -23.34
C ASN A 97 -19.80 -7.29 -22.13
N PRO A 98 -20.41 -8.49 -22.26
CA PRO A 98 -20.51 -9.44 -21.15
C PRO A 98 -19.18 -10.04 -20.66
N HIS A 99 -18.11 -9.97 -21.46
CA HIS A 99 -16.80 -10.55 -21.09
C HIS A 99 -15.74 -9.46 -20.93
N VAL A 100 -16.15 -8.22 -20.67
CA VAL A 100 -15.25 -7.09 -20.31
C VAL A 100 -15.88 -6.32 -19.13
N CYS A 101 -15.01 -5.76 -18.29
CA CYS A 101 -15.40 -4.98 -17.10
C CYS A 101 -15.62 -3.54 -17.50
N ARG A 102 -16.80 -2.99 -17.18
CA ARG A 102 -17.15 -1.58 -17.46
C ARG A 102 -16.89 -0.78 -16.19
N LEU A 103 -16.60 0.50 -16.34
CA LEU A 103 -16.59 1.51 -15.24
C LEU A 103 -18.04 1.95 -14.97
N LEU A 104 -18.52 1.68 -13.77
CA LEU A 104 -19.85 2.15 -13.29
C LEU A 104 -19.74 3.64 -13.01
N GLY A 105 -18.70 4.07 -12.32
CA GLY A 105 -18.53 5.51 -12.01
C GLY A 105 -17.13 5.87 -11.57
N ILE A 106 -16.91 7.17 -11.40
CA ILE A 106 -15.65 7.80 -10.90
C ILE A 106 -15.99 8.82 -9.79
N CYS A 107 -15.20 8.85 -8.73
CA CYS A 107 -15.22 9.92 -7.71
C CYS A 107 -13.92 10.70 -7.82
N LEU A 108 -14.04 12.03 -7.87
CA LEU A 108 -12.90 12.97 -7.92
C LEU A 108 -12.94 13.80 -6.63
N THR A 109 -11.87 13.72 -5.84
CA THR A 109 -11.64 14.49 -4.59
C THR A 109 -10.20 15.02 -4.64
N SER A 110 -9.44 14.87 -3.54
CA SER A 110 -7.96 15.07 -3.53
C SER A 110 -7.31 13.92 -4.32
N THR A 111 -8.07 12.83 -4.51
CA THR A 111 -7.64 11.62 -5.28
C THR A 111 -8.80 11.15 -6.19
N VAL A 112 -8.53 10.11 -6.96
CA VAL A 112 -9.46 9.47 -7.93
C VAL A 112 -9.87 8.11 -7.38
N GLN A 113 -11.14 7.76 -7.50
CA GLN A 113 -11.67 6.41 -7.18
C GLN A 113 -12.53 5.93 -8.35
N LEU A 114 -12.19 4.78 -8.90
CA LEU A 114 -12.98 4.12 -9.95
C LEU A 114 -14.02 3.29 -9.22
N ILE A 115 -15.30 3.45 -9.59
CA ILE A 115 -16.38 2.56 -9.07
C ILE A 115 -16.58 1.49 -10.14
N MET A 116 -16.42 0.22 -9.76
CA MET A 116 -16.44 -0.91 -10.70
C MET A 116 -17.33 -2.00 -10.11
N GLN A 117 -17.70 -2.97 -10.95
CA GLN A 117 -18.52 -4.13 -10.55
C GLN A 117 -17.67 -4.99 -9.60
N LEU A 118 -18.26 -5.41 -8.49
CA LEU A 118 -17.66 -6.39 -7.56
C LEU A 118 -17.70 -7.78 -8.20
N MET A 119 -16.55 -8.40 -8.38
CA MET A 119 -16.39 -9.73 -9.02
C MET A 119 -16.12 -10.75 -7.91
N PRO A 120 -17.16 -11.39 -7.34
CA PRO A 120 -17.05 -12.15 -6.09
C PRO A 120 -15.91 -13.17 -5.94
N PHE A 121 -15.34 -13.67 -7.05
CA PHE A 121 -14.30 -14.73 -7.01
C PHE A 121 -12.93 -14.19 -7.42
N GLY A 122 -12.78 -12.85 -7.44
CA GLY A 122 -11.50 -12.16 -7.72
C GLY A 122 -10.94 -12.55 -9.08
N CYS A 123 -9.62 -12.55 -9.23
CA CYS A 123 -8.96 -12.73 -10.54
C CYS A 123 -8.78 -14.23 -10.84
N LEU A 124 -8.78 -14.54 -12.14
CA LEU A 124 -8.72 -15.92 -12.69
C LEU A 124 -7.38 -16.55 -12.32
N LEU A 125 -6.27 -15.79 -12.24
CA LEU A 125 -4.96 -16.38 -11.89
C LEU A 125 -4.99 -16.92 -10.45
N ASP A 126 -5.41 -16.14 -9.46
CA ASP A 126 -5.57 -16.62 -8.07
C ASP A 126 -6.56 -17.78 -8.07
N TYR A 127 -7.68 -17.66 -8.77
CA TYR A 127 -8.74 -18.70 -8.85
C TYR A 127 -8.18 -20.05 -9.35
N VAL A 128 -7.50 -20.10 -10.49
CA VAL A 128 -7.01 -21.41 -11.02
C VAL A 128 -5.95 -21.98 -10.07
N ARG A 129 -5.14 -21.15 -9.44
CA ARG A 129 -4.14 -21.58 -8.43
C ARG A 129 -4.86 -22.20 -7.22
N GLU A 130 -5.89 -21.53 -6.71
CA GLU A 130 -6.59 -21.90 -5.45
C GLU A 130 -7.55 -23.08 -5.69
N HIS A 131 -8.11 -23.25 -6.90
CA HIS A 131 -9.18 -24.24 -7.17
C HIS A 131 -8.74 -25.32 -8.18
N LYS A 132 -7.43 -25.57 -8.34
CA LYS A 132 -6.88 -26.41 -9.43
C LYS A 132 -7.47 -27.82 -9.37
N ASP A 133 -7.66 -28.38 -8.17
CA ASP A 133 -8.02 -29.81 -7.97
C ASP A 133 -9.50 -30.03 -8.24
N ASN A 134 -10.24 -28.99 -8.65
CA ASN A 134 -11.70 -29.04 -8.95
C ASN A 134 -12.02 -28.38 -10.30
N ILE A 135 -11.02 -27.89 -11.03
CA ILE A 135 -11.23 -27.24 -12.35
C ILE A 135 -11.14 -28.32 -13.41
N GLY A 136 -12.25 -28.51 -14.15
CA GLY A 136 -12.34 -29.48 -15.25
C GLY A 136 -12.06 -28.83 -16.59
N SER A 137 -11.93 -29.67 -17.63
CA SER A 137 -11.63 -29.30 -19.03
C SER A 137 -12.70 -28.34 -19.56
N GLN A 138 -13.96 -28.52 -19.14
CA GLN A 138 -15.11 -27.72 -19.66
C GLN A 138 -14.97 -26.25 -19.23
N TYR A 139 -14.55 -26.01 -17.98
CA TYR A 139 -14.38 -24.65 -17.39
C TYR A 139 -13.19 -23.98 -18.08
N LEU A 140 -12.08 -24.70 -18.20
CA LEU A 140 -10.82 -24.20 -18.81
C LEU A 140 -11.09 -23.70 -20.24
N LEU A 141 -11.81 -24.48 -21.04
CA LEU A 141 -12.01 -24.18 -22.48
C LEU A 141 -13.08 -23.12 -22.63
N ASN A 142 -14.05 -23.07 -21.71
CA ASN A 142 -15.10 -22.01 -21.69
C ASN A 142 -14.40 -20.67 -21.42
N TRP A 143 -13.46 -20.63 -20.49
CA TRP A 143 -12.74 -19.39 -20.10
C TRP A 143 -12.01 -18.87 -21.33
N CYS A 144 -11.34 -19.78 -22.05
CA CYS A 144 -10.60 -19.50 -23.31
C CYS A 144 -11.53 -18.85 -24.33
N VAL A 145 -12.72 -19.41 -24.53
CA VAL A 145 -13.75 -18.86 -25.44
C VAL A 145 -14.13 -17.47 -24.94
N GLN A 146 -14.49 -17.37 -23.66
CA GLN A 146 -15.00 -16.13 -23.05
C GLN A 146 -13.96 -15.01 -23.18
N ILE A 147 -12.68 -15.30 -22.92
CA ILE A 147 -11.60 -14.28 -23.03
C ILE A 147 -11.39 -13.89 -24.51
N ALA A 148 -11.50 -14.83 -25.44
CA ALA A 148 -11.36 -14.58 -26.89
C ALA A 148 -12.54 -13.69 -27.35
N LYS A 149 -13.76 -14.01 -26.91
CA LYS A 149 -14.98 -13.21 -27.22
C LYS A 149 -14.78 -11.77 -26.76
N GLY A 150 -14.28 -11.59 -25.54
CA GLY A 150 -14.01 -10.27 -24.95
C GLY A 150 -12.94 -9.54 -25.72
N MET A 151 -11.86 -10.24 -26.07
CA MET A 151 -10.73 -9.62 -26.81
C MET A 151 -11.23 -9.25 -28.21
N ASN A 152 -12.01 -10.13 -28.83
CA ASN A 152 -12.65 -9.88 -30.14
C ASN A 152 -13.51 -8.63 -30.06
N TYR A 153 -14.30 -8.48 -29.00
CA TYR A 153 -15.08 -7.24 -28.72
C TYR A 153 -14.14 -6.04 -28.68
N LEU A 154 -13.04 -6.12 -27.92
CA LEU A 154 -12.12 -4.96 -27.80
C LEU A 154 -11.52 -4.65 -29.18
N GLU A 155 -11.07 -5.66 -29.93
CA GLU A 155 -10.59 -5.46 -31.33
C GLU A 155 -11.63 -4.66 -32.12
N ASP A 156 -12.89 -5.09 -32.10
CA ASP A 156 -14.01 -4.45 -32.86
C ASP A 156 -14.20 -2.98 -32.40
N ARG A 157 -13.86 -2.65 -31.15
CA ARG A 157 -13.90 -1.28 -30.58
C ARG A 157 -12.57 -0.54 -30.85
N ARG A 158 -11.62 -1.17 -31.56
CA ARG A 158 -10.30 -0.58 -31.94
C ARG A 158 -9.37 -0.42 -30.71
N LEU A 159 -9.62 -1.18 -29.62
CA LEU A 159 -8.77 -1.15 -28.39
C LEU A 159 -7.71 -2.25 -28.48
N VAL A 160 -6.46 -1.84 -28.25
CA VAL A 160 -5.34 -2.76 -27.96
CA VAL A 160 -5.33 -2.76 -27.96
C VAL A 160 -5.12 -2.73 -26.44
N HIS A 161 -5.31 -3.87 -25.78
CA HIS A 161 -5.30 -4.00 -24.30
C HIS A 161 -3.89 -3.73 -23.79
N ARG A 162 -2.90 -4.44 -24.35
CA ARG A 162 -1.46 -4.31 -24.04
C ARG A 162 -1.11 -4.91 -22.66
N ASP A 163 -2.05 -5.53 -21.96
CA ASP A 163 -1.80 -6.09 -20.62
C ASP A 163 -2.70 -7.29 -20.37
N LEU A 164 -3.04 -8.04 -21.41
CA LEU A 164 -3.82 -9.29 -21.23
C LEU A 164 -2.92 -10.30 -20.52
N ALA A 165 -3.45 -10.86 -19.44
CA ALA A 165 -2.81 -11.83 -18.51
C ALA A 165 -3.90 -12.40 -17.61
N ALA A 166 -3.65 -13.57 -17.03
CA ALA A 166 -4.64 -14.25 -16.17
C ALA A 166 -4.98 -13.37 -14.94
N ARG A 167 -4.03 -12.58 -14.45
CA ARG A 167 -4.22 -11.61 -13.33
C ARG A 167 -5.23 -10.51 -13.69
N ASN A 168 -5.46 -10.26 -14.99
CA ASN A 168 -6.30 -9.13 -15.49
C ASN A 168 -7.62 -9.69 -16.03
N VAL A 169 -7.93 -10.95 -15.74
CA VAL A 169 -9.23 -11.60 -16.00
C VAL A 169 -9.87 -11.86 -14.63
N LEU A 170 -11.09 -11.37 -14.42
CA LEU A 170 -11.81 -11.47 -13.12
C LEU A 170 -12.96 -12.45 -13.28
N VAL A 171 -13.33 -13.08 -12.17
CA VAL A 171 -14.33 -14.19 -12.09
C VAL A 171 -15.60 -13.66 -11.41
N LYS A 172 -16.66 -13.43 -12.19
CA LYS A 172 -17.99 -13.02 -11.69
C LYS A 172 -18.64 -14.22 -11.01
N THR A 173 -18.77 -15.33 -11.74
CA THR A 173 -19.03 -16.71 -11.23
C THR A 173 -17.98 -17.62 -11.85
N PRO A 174 -17.75 -18.86 -11.34
CA PRO A 174 -16.83 -19.79 -11.98
C PRO A 174 -17.07 -19.98 -13.48
N GLN A 175 -18.31 -19.76 -13.92
CA GLN A 175 -18.77 -20.02 -15.32
C GLN A 175 -18.71 -18.74 -16.17
N HIS A 176 -18.37 -17.59 -15.58
CA HIS A 176 -18.42 -16.26 -16.25
C HIS A 176 -17.27 -15.35 -15.83
N VAL A 177 -16.26 -15.20 -16.70
CA VAL A 177 -15.10 -14.31 -16.47
C VAL A 177 -15.18 -13.09 -17.39
N LYS A 178 -14.48 -12.03 -17.00
CA LYS A 178 -14.44 -10.75 -17.76
C LYS A 178 -13.00 -10.20 -17.77
N ILE A 179 -12.56 -9.72 -18.92
CA ILE A 179 -11.27 -8.98 -19.09
C ILE A 179 -11.41 -7.64 -18.39
N THR A 180 -10.36 -7.20 -17.70
CA THR A 180 -10.29 -5.85 -17.09
C THR A 180 -8.86 -5.30 -17.16
N ASP A 181 -8.64 -4.16 -16.51
CA ASP A 181 -7.33 -3.50 -16.29
C ASP A 181 -6.93 -2.82 -17.60
N PHE A 182 -7.46 -1.61 -17.82
CA PHE A 182 -7.28 -0.85 -19.08
C PHE A 182 -6.21 0.23 -18.91
N GLY A 183 -5.46 0.16 -17.81
CA GLY A 183 -4.35 1.07 -17.50
C GLY A 183 -3.33 1.20 -18.62
N ARG A 184 -3.17 0.18 -19.47
CA ARG A 184 -2.25 0.20 -20.65
C ARG A 184 -3.02 0.20 -21.98
N ALA A 185 -4.35 0.19 -21.97
CA ALA A 185 -5.18 0.06 -23.18
C ALA A 185 -5.06 1.32 -24.04
N LYS A 186 -4.94 1.14 -25.35
CA LYS A 186 -4.83 2.26 -26.33
C LYS A 186 -5.90 2.08 -27.40
N LEU A 187 -6.66 3.16 -27.63
CA LEU A 187 -7.71 3.28 -28.67
C LEU A 187 -7.03 3.70 -29.98
N LEU A 188 -7.00 2.80 -30.97
CA LEU A 188 -6.45 3.05 -32.32
C LEU A 188 -7.42 3.93 -33.16
N GLY A 189 -6.86 4.85 -33.94
CA GLY A 189 -7.55 5.55 -35.03
C GLY A 189 -8.16 4.57 -36.02
N ALA A 190 -9.20 4.99 -36.77
CA ALA A 190 -9.87 4.13 -37.78
C ALA A 190 -8.85 3.66 -38.81
N GLU A 191 -8.77 2.33 -39.01
CA GLU A 191 -7.93 1.63 -40.03
C GLU A 191 -6.42 1.76 -39.70
N GLU A 192 -6.07 2.43 -38.59
CA GLU A 192 -4.69 2.46 -38.03
C GLU A 192 -4.42 1.07 -37.43
N LYS A 193 -3.25 0.49 -37.68
CA LYS A 193 -2.97 -0.93 -37.37
C LYS A 193 -2.15 -1.05 -36.09
N GLU A 194 -1.28 -0.09 -35.77
CA GLU A 194 -0.33 -0.25 -34.63
C GLU A 194 -0.26 1.00 -33.76
N TYR A 195 0.03 0.79 -32.47
CA TYR A 195 0.37 1.81 -31.45
C TYR A 195 1.85 1.69 -31.09
N HIS A 196 2.63 2.77 -31.26
CA HIS A 196 4.06 2.86 -30.86
C HIS A 196 4.17 3.48 -29.47
N ALA A 197 4.58 2.68 -28.48
CA ALA A 197 4.64 3.08 -27.06
C ALA A 197 5.95 3.82 -26.81
N GLU A 198 5.97 4.67 -25.77
CA GLU A 198 7.17 5.32 -25.24
C GLU A 198 7.86 4.34 -24.27
N GLY A 199 8.80 4.81 -23.47
CA GLY A 199 9.43 4.03 -22.39
C GLY A 199 8.48 3.84 -21.21
N GLY A 200 8.80 2.88 -20.35
CA GLY A 200 7.98 2.47 -19.20
C GLY A 200 8.29 1.03 -18.84
N LYS A 201 7.91 0.61 -17.64
CA LYS A 201 8.00 -0.82 -17.20
C LYS A 201 6.91 -1.59 -17.93
N VAL A 202 7.29 -2.70 -18.58
CA VAL A 202 6.38 -3.49 -19.46
C VAL A 202 6.36 -4.96 -19.02
N PRO A 203 5.19 -5.62 -19.11
CA PRO A 203 5.06 -7.02 -18.74
C PRO A 203 5.71 -7.93 -19.79
N ILE A 204 7.05 -7.98 -19.78
CA ILE A 204 7.89 -8.63 -20.84
C ILE A 204 7.36 -10.03 -21.13
N LYS A 205 7.08 -10.82 -20.10
CA LYS A 205 6.83 -12.28 -20.26
C LYS A 205 5.49 -12.56 -20.95
N TRP A 206 4.63 -11.53 -21.12
CA TRP A 206 3.33 -11.64 -21.82
C TRP A 206 3.35 -10.94 -23.18
N MET A 207 4.45 -10.28 -23.55
CA MET A 207 4.53 -9.40 -24.75
C MET A 207 5.06 -10.16 -25.97
N ALA A 208 4.50 -9.86 -27.13
CA ALA A 208 5.00 -10.35 -28.44
C ALA A 208 6.41 -9.80 -28.62
N LEU A 209 7.23 -10.48 -29.42
CA LEU A 209 8.65 -10.10 -29.65
C LEU A 209 8.73 -8.67 -30.21
N GLU A 210 7.88 -8.31 -31.18
CA GLU A 210 7.94 -6.98 -31.85
C GLU A 210 7.66 -5.88 -30.80
N SER A 211 6.81 -6.19 -29.81
CA SER A 211 6.45 -5.29 -28.68
C SER A 211 7.68 -5.07 -27.80
N ILE A 212 8.42 -6.14 -27.48
CA ILE A 212 9.65 -6.07 -26.65
C ILE A 212 10.68 -5.24 -27.42
N LEU A 213 11.01 -5.67 -28.64
CA LEU A 213 12.11 -5.10 -29.45
C LEU A 213 11.78 -3.66 -29.87
N HIS A 214 10.58 -3.40 -30.42
CA HIS A 214 10.26 -2.17 -31.20
C HIS A 214 9.11 -1.35 -30.60
N ARG A 215 8.56 -1.75 -29.45
CA ARG A 215 7.47 -1.06 -28.72
C ARG A 215 6.21 -0.96 -29.60
N ILE A 216 6.02 -1.94 -30.50
CA ILE A 216 4.85 -1.97 -31.43
C ILE A 216 3.80 -2.91 -30.82
N TYR A 217 2.61 -2.39 -30.61
CA TYR A 217 1.44 -3.15 -30.11
C TYR A 217 0.34 -3.11 -31.18
N THR A 218 -0.27 -4.25 -31.41
CA THR A 218 -1.47 -4.40 -32.28
C THR A 218 -2.43 -5.40 -31.63
N HIS A 219 -3.54 -5.68 -32.30
CA HIS A 219 -4.51 -6.75 -31.95
C HIS A 219 -3.76 -8.10 -31.95
N GLN A 220 -2.74 -8.23 -32.80
CA GLN A 220 -1.96 -9.49 -32.97
C GLN A 220 -0.95 -9.64 -31.82
N SER A 221 -0.39 -8.56 -31.27
CA SER A 221 0.44 -8.61 -30.04
C SER A 221 -0.45 -9.01 -28.86
N ASP A 222 -1.71 -8.55 -28.85
CA ASP A 222 -2.74 -8.94 -27.85
C ASP A 222 -3.00 -10.45 -27.99
N VAL A 223 -2.95 -10.99 -29.22
CA VAL A 223 -3.14 -12.45 -29.47
C VAL A 223 -1.95 -13.24 -28.88
N TRP A 224 -0.74 -12.70 -28.94
CA TRP A 224 0.43 -13.31 -28.25
C TRP A 224 0.11 -13.36 -26.75
N SER A 225 -0.29 -12.22 -26.17
CA SER A 225 -0.61 -12.10 -24.72
C SER A 225 -1.69 -13.12 -24.35
N TYR A 226 -2.70 -13.29 -25.22
CA TYR A 226 -3.82 -14.25 -25.04
C TYR A 226 -3.26 -15.70 -24.97
N GLY A 227 -2.32 -16.04 -25.85
CA GLY A 227 -1.62 -17.34 -25.84
C GLY A 227 -0.97 -17.64 -24.49
N VAL A 228 -0.20 -16.68 -23.96
CA VAL A 228 0.39 -16.78 -22.58
C VAL A 228 -0.74 -16.93 -21.56
N THR A 229 -1.84 -16.19 -21.71
CA THR A 229 -2.99 -16.24 -20.76
C THR A 229 -3.59 -17.64 -20.77
N VAL A 230 -3.85 -18.22 -21.94
CA VAL A 230 -4.35 -19.61 -22.02
C VAL A 230 -3.35 -20.52 -21.32
N TRP A 231 -2.05 -20.26 -21.48
CA TRP A 231 -0.95 -21.08 -20.93
C TRP A 231 -0.95 -21.01 -19.40
N GLU A 232 -1.16 -19.83 -18.84
CA GLU A 232 -1.34 -19.60 -17.38
C GLU A 232 -2.49 -20.47 -16.87
N LEU A 233 -3.62 -20.47 -17.58
CA LEU A 233 -4.84 -21.24 -17.20
C LEU A 233 -4.53 -22.74 -17.27
N MET A 234 -4.02 -23.24 -18.41
CA MET A 234 -3.78 -24.70 -18.63
C MET A 234 -2.75 -25.25 -17.64
N THR A 235 -1.88 -24.42 -17.04
CA THR A 235 -0.88 -24.84 -16.03
C THR A 235 -1.34 -24.53 -14.60
N PHE A 236 -2.63 -24.23 -14.42
CA PHE A 236 -3.24 -23.81 -13.12
C PHE A 236 -2.36 -22.78 -12.42
N GLY A 237 -1.77 -21.85 -13.18
CA GLY A 237 -1.19 -20.61 -12.63
C GLY A 237 0.31 -20.59 -12.56
N SER A 238 1.00 -21.40 -13.36
CA SER A 238 2.48 -21.37 -13.44
C SER A 238 2.88 -19.97 -13.92
N LYS A 239 3.99 -19.42 -13.41
CA LYS A 239 4.62 -18.18 -13.92
C LYS A 239 5.29 -18.50 -15.26
N PRO A 240 5.08 -17.70 -16.32
CA PRO A 240 5.74 -17.95 -17.59
C PRO A 240 7.26 -17.80 -17.50
N TYR A 241 8.00 -18.66 -18.21
CA TYR A 241 9.49 -18.63 -18.27
C TYR A 241 10.01 -18.52 -16.83
N ASP A 242 9.65 -19.48 -15.98
CA ASP A 242 9.94 -19.45 -14.51
C ASP A 242 11.45 -19.50 -14.31
N GLY A 243 12.02 -18.46 -13.70
CA GLY A 243 13.45 -18.37 -13.38
C GLY A 243 14.20 -17.49 -14.36
N ILE A 244 13.84 -17.57 -15.65
CA ILE A 244 14.49 -16.79 -16.74
C ILE A 244 14.19 -15.32 -16.48
N PRO A 245 15.22 -14.44 -16.39
CA PRO A 245 14.99 -13.02 -16.17
C PRO A 245 14.49 -12.36 -17.45
N ALA A 246 13.64 -11.33 -17.31
CA ALA A 246 12.92 -10.65 -18.41
C ALA A 246 13.90 -10.27 -19.52
N SER A 247 15.12 -9.86 -19.14
CA SER A 247 16.20 -9.35 -20.01
C SER A 247 16.65 -10.42 -21.01
N GLU A 248 16.50 -11.71 -20.66
CA GLU A 248 16.90 -12.89 -21.49
C GLU A 248 15.77 -13.35 -22.43
N ILE A 249 14.57 -12.76 -22.33
CA ILE A 249 13.33 -13.29 -22.98
C ILE A 249 13.38 -13.05 -24.49
N SER A 250 13.70 -11.83 -24.94
CA SER A 250 13.80 -11.49 -26.38
C SER A 250 14.77 -12.46 -27.06
N SER A 251 15.85 -12.83 -26.36
CA SER A 251 16.91 -13.74 -26.86
C SER A 251 16.35 -15.15 -27.01
N ILE A 252 15.65 -15.68 -26.00
CA ILE A 252 15.10 -17.06 -26.06
C ILE A 252 13.99 -17.12 -27.12
N LEU A 253 13.16 -16.08 -27.27
CA LEU A 253 12.11 -16.00 -28.34
C LEU A 253 12.76 -16.05 -29.72
N GLU A 254 13.82 -15.26 -29.94
CA GLU A 254 14.56 -15.19 -31.22
C GLU A 254 15.16 -16.57 -31.59
N LYS A 255 15.63 -17.34 -30.61
CA LYS A 255 16.14 -18.73 -30.77
C LYS A 255 14.99 -19.74 -30.96
N GLY A 256 13.73 -19.29 -31.02
CA GLY A 256 12.55 -20.14 -31.25
C GLY A 256 12.06 -20.87 -30.00
N GLU A 257 12.58 -20.55 -28.82
CA GLU A 257 12.10 -21.10 -27.53
C GLU A 257 10.76 -20.44 -27.21
N ARG A 258 9.78 -21.24 -26.79
CA ARG A 258 8.45 -20.79 -26.33
C ARG A 258 8.10 -21.53 -25.05
N LEU A 259 6.98 -21.15 -24.44
CA LEU A 259 6.45 -21.75 -23.18
C LEU A 259 6.18 -23.24 -23.44
N PRO A 260 6.47 -24.12 -22.45
CA PRO A 260 6.34 -25.57 -22.65
C PRO A 260 4.88 -26.01 -22.74
N GLN A 261 4.64 -27.18 -23.32
CA GLN A 261 3.30 -27.79 -23.39
C GLN A 261 2.86 -28.13 -21.97
N PRO A 262 1.73 -27.55 -21.47
CA PRO A 262 1.15 -27.97 -20.19
C PRO A 262 0.74 -29.44 -20.24
N PRO A 263 1.10 -30.23 -19.20
CA PRO A 263 0.70 -31.63 -19.10
C PRO A 263 -0.73 -31.97 -19.53
N ILE A 264 -1.71 -31.14 -19.19
CA ILE A 264 -3.15 -31.47 -19.47
C ILE A 264 -3.47 -31.21 -20.94
N CYS A 265 -2.60 -30.51 -21.67
CA CYS A 265 -2.86 -30.09 -23.08
C CYS A 265 -2.55 -31.23 -24.06
N THR A 266 -3.53 -31.59 -24.88
CA THR A 266 -3.30 -32.34 -26.15
C THR A 266 -2.63 -31.40 -27.15
N ILE A 267 -1.95 -31.96 -28.15
CA ILE A 267 -1.14 -31.18 -29.12
C ILE A 267 -2.03 -30.14 -29.83
N ASP A 268 -3.29 -30.46 -30.11
CA ASP A 268 -4.23 -29.54 -30.80
C ASP A 268 -4.37 -28.23 -30.00
N VAL A 269 -4.43 -28.29 -28.67
CA VAL A 269 -4.53 -27.07 -27.79
C VAL A 269 -3.17 -26.34 -27.78
N TYR A 270 -2.06 -27.05 -27.59
CA TYR A 270 -0.68 -26.47 -27.57
C TYR A 270 -0.31 -25.85 -28.93
N MET A 271 -0.85 -26.37 -30.03
CA MET A 271 -0.66 -25.81 -31.39
C MET A 271 -1.32 -24.42 -31.52
N ILE A 272 -2.53 -24.23 -31.01
CA ILE A 272 -3.20 -22.90 -30.96
C ILE A 272 -2.33 -21.92 -30.17
N MET A 273 -1.79 -22.36 -29.04
CA MET A 273 -0.87 -21.55 -28.19
C MET A 273 0.37 -21.18 -29.00
N ARG A 274 1.04 -22.16 -29.62
CA ARG A 274 2.24 -21.94 -30.45
C ARG A 274 1.92 -20.99 -31.62
N LYS A 275 0.77 -21.16 -32.28
CA LYS A 275 0.35 -20.25 -33.36
C LYS A 275 0.29 -18.80 -32.84
N CYS A 276 -0.19 -18.57 -31.60
CA CYS A 276 -0.30 -17.20 -31.03
C CYS A 276 1.11 -16.60 -30.85
N TRP A 277 2.19 -17.41 -30.89
CA TRP A 277 3.58 -16.96 -30.56
C TRP A 277 4.47 -17.00 -31.81
N MET A 278 3.90 -16.97 -33.00
CA MET A 278 4.67 -16.92 -34.27
CA MET A 278 4.66 -16.93 -34.27
C MET A 278 5.29 -15.53 -34.41
N ILE A 279 6.53 -15.46 -34.88
CA ILE A 279 7.29 -14.19 -35.10
C ILE A 279 6.43 -13.28 -35.95
N ASP A 280 5.86 -13.81 -37.03
CA ASP A 280 5.02 -13.03 -37.97
C ASP A 280 3.62 -12.85 -37.37
N ALA A 281 3.32 -11.64 -36.88
CA ALA A 281 2.08 -11.30 -36.15
C ALA A 281 0.84 -11.66 -36.98
N ASP A 282 0.89 -11.53 -38.31
CA ASP A 282 -0.29 -11.76 -39.19
C ASP A 282 -0.54 -13.27 -39.36
N SER A 283 0.45 -14.13 -39.12
CA SER A 283 0.30 -15.60 -39.10
C SER A 283 -0.36 -16.07 -37.79
N ARG A 284 -0.36 -15.24 -36.76
CA ARG A 284 -1.04 -15.58 -35.48
C ARG A 284 -2.53 -15.65 -35.76
N PRO A 285 -3.28 -16.48 -35.02
CA PRO A 285 -4.71 -16.55 -35.20
C PRO A 285 -5.37 -15.19 -34.93
N LYS A 286 -6.63 -15.05 -35.36
CA LYS A 286 -7.48 -13.88 -35.05
C LYS A 286 -8.36 -14.28 -33.88
N PHE A 287 -8.64 -13.36 -32.96
CA PHE A 287 -9.56 -13.61 -31.83
C PHE A 287 -10.83 -14.31 -32.33
N ARG A 288 -11.40 -13.89 -33.48
CA ARG A 288 -12.64 -14.50 -34.04
C ARG A 288 -12.40 -15.98 -34.38
N GLU A 289 -11.21 -16.34 -34.84
CA GLU A 289 -10.83 -17.75 -35.15
C GLU A 289 -10.68 -18.51 -33.82
N LEU A 290 -9.98 -17.91 -32.85
CA LEU A 290 -9.77 -18.52 -31.52
C LEU A 290 -11.13 -18.81 -30.88
N ILE A 291 -12.16 -17.99 -31.12
CA ILE A 291 -13.53 -18.23 -30.57
C ILE A 291 -14.10 -19.49 -31.23
N ILE A 292 -14.00 -19.60 -32.55
CA ILE A 292 -14.53 -20.76 -33.32
C ILE A 292 -13.83 -22.06 -32.88
N GLU A 293 -12.50 -22.01 -32.67
CA GLU A 293 -11.66 -23.21 -32.41
C GLU A 293 -11.79 -23.66 -30.95
N PHE A 294 -11.74 -22.75 -29.98
CA PHE A 294 -11.93 -23.09 -28.55
C PHE A 294 -13.39 -23.51 -28.33
N SER A 295 -14.34 -22.92 -29.06
CA SER A 295 -15.77 -23.28 -28.95
C SER A 295 -15.96 -24.72 -29.40
N LYS A 296 -15.49 -25.06 -30.60
CA LYS A 296 -15.43 -26.45 -31.12
C LYS A 296 -14.88 -27.38 -30.03
N MET A 297 -13.75 -27.03 -29.42
CA MET A 297 -13.04 -27.87 -28.44
C MET A 297 -13.87 -28.02 -27.17
N ALA A 298 -14.58 -26.96 -26.78
CA ALA A 298 -15.41 -26.94 -25.55
C ALA A 298 -16.65 -27.84 -25.72
N ARG A 299 -17.03 -28.19 -26.95
CA ARG A 299 -18.16 -29.12 -27.22
C ARG A 299 -17.74 -30.56 -26.91
N ASP A 300 -16.42 -30.87 -26.84
CA ASP A 300 -15.90 -32.21 -26.48
C ASP A 300 -14.66 -32.05 -25.62
N PRO A 301 -14.77 -31.41 -24.43
CA PRO A 301 -13.61 -30.88 -23.72
C PRO A 301 -12.55 -31.93 -23.32
N GLN A 302 -12.98 -33.16 -23.03
CA GLN A 302 -12.13 -34.26 -22.50
C GLN A 302 -11.26 -34.85 -23.62
N ARG A 303 -11.63 -34.63 -24.89
CA ARG A 303 -10.82 -35.01 -26.08
C ARG A 303 -9.56 -34.14 -26.19
N TYR A 304 -9.59 -32.91 -25.65
CA TYR A 304 -8.60 -31.83 -25.92
C TYR A 304 -7.79 -31.48 -24.67
N LEU A 305 -8.35 -31.63 -23.49
CA LEU A 305 -7.62 -31.54 -22.21
C LEU A 305 -7.78 -32.87 -21.45
N VAL A 306 -6.67 -33.42 -20.98
CA VAL A 306 -6.63 -34.72 -20.27
C VAL A 306 -6.31 -34.45 -18.81
N ILE A 307 -7.34 -34.41 -17.98
CA ILE A 307 -7.28 -34.08 -16.52
C ILE A 307 -7.75 -35.31 -15.75
N GLN A 308 -6.98 -35.76 -14.74
CA GLN A 308 -7.29 -36.96 -13.92
C GLN A 308 -8.49 -36.61 -13.03
N GLY A 309 -9.52 -37.45 -13.04
CA GLY A 309 -10.75 -37.24 -12.25
C GLY A 309 -11.59 -36.09 -12.80
N ASP A 310 -11.41 -35.78 -14.09
CA ASP A 310 -12.19 -34.75 -14.83
C ASP A 310 -13.69 -35.05 -14.69
N GLU A 311 -14.09 -36.32 -14.78
CA GLU A 311 -15.52 -36.75 -14.82
C GLU A 311 -16.23 -36.43 -13.49
N ARG A 312 -15.51 -36.37 -12.36
CA ARG A 312 -16.13 -36.22 -11.01
C ARG A 312 -15.68 -34.90 -10.36
N MET A 313 -15.31 -33.89 -11.16
CA MET A 313 -14.87 -32.56 -10.67
C MET A 313 -16.04 -31.57 -10.76
N HIS A 314 -16.23 -30.77 -9.70
CA HIS A 314 -17.38 -29.85 -9.48
C HIS A 314 -16.86 -28.51 -8.95
N LEU A 315 -17.44 -27.42 -9.45
CA LEU A 315 -17.23 -26.05 -8.91
C LEU A 315 -18.59 -25.44 -8.60
N PRO A 316 -18.67 -24.50 -7.63
CA PRO A 316 -19.92 -23.81 -7.33
C PRO A 316 -20.66 -23.37 -8.60
N SER A 317 -21.92 -23.79 -8.74
CA SER A 317 -22.87 -23.39 -9.80
C SER A 317 -23.19 -21.91 -9.65
N PRO A 318 -23.83 -21.24 -10.64
CA PRO A 318 -24.17 -19.83 -10.50
C PRO A 318 -25.05 -19.55 -9.27
N THR A 319 -25.89 -20.51 -8.87
CA THR A 319 -26.82 -20.38 -7.72
C THR A 319 -26.02 -20.55 -6.41
N ASP A 320 -25.08 -21.49 -6.38
CA ASP A 320 -24.15 -21.72 -5.24
C ASP A 320 -23.26 -20.49 -5.07
N SER A 321 -22.97 -19.78 -6.17
CA SER A 321 -22.11 -18.57 -6.18
C SER A 321 -22.85 -17.40 -5.54
N ASN A 322 -24.13 -17.20 -5.91
CA ASN A 322 -25.05 -16.20 -5.30
C ASN A 322 -25.14 -16.43 -3.79
N PHE A 323 -25.13 -17.70 -3.37
CA PHE A 323 -25.15 -18.14 -1.95
C PHE A 323 -23.87 -17.64 -1.28
N TYR A 324 -22.70 -18.10 -1.77
CA TYR A 324 -21.36 -17.69 -1.27
C TYR A 324 -21.34 -16.16 -1.04
N ARG A 325 -21.75 -15.38 -2.04
CA ARG A 325 -21.90 -13.91 -1.92
C ARG A 325 -22.65 -13.60 -0.63
N ALA A 326 -23.90 -14.07 -0.55
CA ALA A 326 -24.87 -13.81 0.54
C ALA A 326 -24.27 -14.21 1.89
N LEU A 327 -23.51 -15.31 1.94
CA LEU A 327 -22.80 -15.79 3.17
C LEU A 327 -21.76 -14.75 3.59
N MET A 328 -20.88 -14.36 2.66
CA MET A 328 -19.74 -13.45 2.91
C MET A 328 -20.28 -12.05 3.16
N ASP A 329 -21.29 -11.62 2.40
CA ASP A 329 -21.99 -10.32 2.58
C ASP A 329 -22.54 -10.26 4.02
N GLU A 330 -23.10 -11.35 4.53
CA GLU A 330 -23.73 -11.44 5.88
C GLU A 330 -22.68 -11.19 6.97
N GLU A 331 -21.56 -11.91 6.90
CA GLU A 331 -20.48 -11.83 7.92
C GLU A 331 -19.75 -10.49 7.82
N ASP A 332 -19.58 -9.94 6.61
CA ASP A 332 -18.98 -8.60 6.36
C ASP A 332 -19.88 -7.52 6.97
N MET A 333 -21.18 -7.58 6.68
CA MET A 333 -22.22 -6.62 7.16
C MET A 333 -22.35 -6.71 8.69
N ASP A 334 -22.09 -7.89 9.27
CA ASP A 334 -22.11 -8.11 10.75
C ASP A 334 -20.86 -7.48 11.38
N ASP A 335 -19.73 -7.44 10.66
CA ASP A 335 -18.46 -6.83 11.14
C ASP A 335 -18.59 -5.30 11.14
N VAL A 336 -19.46 -4.72 10.32
CA VAL A 336 -19.78 -3.26 10.29
C VAL A 336 -20.62 -2.91 11.52
N VAL A 337 -21.26 -3.90 12.14
CA VAL A 337 -22.11 -3.71 13.36
C VAL A 337 -21.21 -3.71 14.61
N ASP A 338 -20.22 -4.61 14.70
CA ASP A 338 -19.27 -4.66 15.85
C ASP A 338 -18.02 -3.82 15.49
N ALA A 339 -18.30 -2.57 15.09
CA ALA A 339 -17.41 -1.48 14.60
C ALA A 339 -18.35 -0.38 14.10
N ASP A 340 -17.95 0.89 14.17
CA ASP A 340 -18.79 2.05 13.72
C ASP A 340 -20.12 2.03 14.49
N ALA B 28 10.49 8.05 -9.96
CA ALA B 28 10.03 7.24 -8.81
C ALA B 28 10.69 7.72 -7.50
N LEU B 29 9.92 8.36 -6.62
CA LEU B 29 10.37 8.82 -5.28
C LEU B 29 10.50 7.61 -4.33
N LEU B 30 9.69 6.57 -4.57
CA LEU B 30 9.81 5.23 -3.94
C LEU B 30 10.86 4.42 -4.70
N ARG B 31 12.00 4.17 -4.05
CA ARG B 31 13.16 3.41 -4.62
C ARG B 31 13.00 1.93 -4.33
N ILE B 32 12.56 1.16 -5.33
CA ILE B 32 12.35 -0.31 -5.24
C ILE B 32 13.71 -0.98 -5.41
N LEU B 33 14.18 -1.66 -4.36
CA LEU B 33 15.52 -2.32 -4.29
C LEU B 33 15.35 -3.84 -4.32
N LYS B 34 16.46 -4.55 -4.53
CA LYS B 34 16.57 -6.02 -4.41
C LYS B 34 16.76 -6.37 -2.92
N GLU B 35 15.89 -7.22 -2.39
CA GLU B 35 15.94 -7.75 -1.00
C GLU B 35 17.32 -8.35 -0.72
N THR B 36 17.91 -9.07 -1.69
CA THR B 36 19.16 -9.86 -1.55
C THR B 36 20.37 -8.93 -1.36
N GLU B 37 20.22 -7.62 -1.57
CA GLU B 37 21.28 -6.60 -1.31
C GLU B 37 21.22 -6.13 0.15
N PHE B 38 20.44 -6.79 1.00
CA PHE B 38 20.25 -6.42 2.43
C PHE B 38 20.47 -7.62 3.33
N LYS B 39 21.25 -7.44 4.40
CA LYS B 39 21.52 -8.46 5.42
C LYS B 39 20.93 -8.01 6.75
N LYS B 40 20.01 -8.79 7.32
CA LYS B 40 19.45 -8.54 8.66
C LYS B 40 20.46 -9.06 9.69
N ILE B 41 20.97 -8.18 10.57
CA ILE B 41 22.00 -8.54 11.59
C ILE B 41 21.35 -8.61 12.97
N LYS B 42 20.39 -7.75 13.29
CA LYS B 42 19.71 -7.74 14.62
C LYS B 42 18.21 -7.45 14.49
N VAL B 43 17.39 -8.07 15.33
CA VAL B 43 15.97 -7.67 15.54
C VAL B 43 15.99 -6.54 16.56
N LEU B 44 15.52 -5.36 16.16
CA LEU B 44 15.49 -4.17 17.04
C LEU B 44 14.12 -4.05 17.71
N GLY B 45 13.07 -4.52 17.05
CA GLY B 45 11.70 -4.51 17.59
C GLY B 45 10.79 -5.42 16.79
N SER B 46 9.76 -5.92 17.46
CA SER B 46 8.66 -6.70 16.84
C SER B 46 7.37 -6.41 17.60
N GLY B 47 6.25 -6.35 16.87
CA GLY B 47 4.94 -5.99 17.40
C GLY B 47 3.89 -6.01 16.32
N ALA B 48 2.84 -5.20 16.48
CA ALA B 48 1.74 -5.03 15.50
C ALA B 48 2.32 -4.61 14.14
N PHE B 49 3.23 -3.63 14.17
CA PHE B 49 3.93 -3.05 12.98
C PHE B 49 4.68 -4.12 12.19
N GLY B 50 4.86 -5.32 12.76
CA GLY B 50 5.69 -6.39 12.19
C GLY B 50 7.01 -6.53 12.94
N THR B 51 8.13 -6.51 12.22
CA THR B 51 9.51 -6.57 12.80
C THR B 51 10.37 -5.46 12.21
N VAL B 52 11.18 -4.79 13.04
CA VAL B 52 12.24 -3.84 12.60
CA VAL B 52 12.24 -3.86 12.55
C VAL B 52 13.59 -4.51 12.88
N TYR B 53 14.47 -4.53 11.87
CA TYR B 53 15.84 -5.09 11.96
C TYR B 53 16.86 -3.98 11.76
N LYS B 54 17.95 -4.02 12.54
CA LYS B 54 19.24 -3.45 12.10
C LYS B 54 19.69 -4.30 10.91
N GLY B 55 20.00 -3.66 9.77
CA GLY B 55 20.40 -4.34 8.54
C GLY B 55 21.61 -3.68 7.90
N LEU B 56 22.22 -4.35 6.94
CA LEU B 56 23.37 -3.82 6.18
C LEU B 56 22.98 -3.79 4.71
N TRP B 57 23.11 -2.63 4.05
CA TRP B 57 23.12 -2.56 2.58
C TRP B 57 24.50 -3.01 2.08
N ILE B 58 24.55 -4.16 1.38
CA ILE B 58 25.76 -4.78 0.79
C ILE B 58 25.51 -5.00 -0.70
N PRO B 59 25.60 -3.96 -1.56
CA PRO B 59 25.33 -4.10 -2.98
C PRO B 59 26.47 -4.65 -3.84
N GLU B 60 27.72 -4.60 -3.36
CA GLU B 60 28.95 -4.99 -4.13
C GLU B 60 29.84 -5.92 -3.31
N GLY B 61 29.45 -7.19 -3.23
CA GLY B 61 30.20 -8.22 -2.47
C GLY B 61 30.51 -7.79 -1.04
N GLU B 62 31.67 -7.17 -0.82
CA GLU B 62 32.18 -6.83 0.54
C GLU B 62 32.64 -5.36 0.61
N LYS B 63 32.60 -4.60 -0.49
CA LYS B 63 33.23 -3.24 -0.55
C LYS B 63 32.45 -2.27 0.34
N VAL B 64 31.13 -2.18 0.21
CA VAL B 64 30.28 -1.25 1.02
C VAL B 64 29.29 -2.05 1.89
N LYS B 65 29.30 -1.80 3.20
CA LYS B 65 28.35 -2.38 4.18
C LYS B 65 27.77 -1.23 5.01
N ILE B 66 26.59 -0.71 4.63
CA ILE B 66 26.00 0.56 5.16
C ILE B 66 24.81 0.22 6.07
N PRO B 67 24.82 0.66 7.36
CA PRO B 67 23.74 0.35 8.30
C PRO B 67 22.43 1.04 7.92
N VAL B 68 21.33 0.28 7.92
CA VAL B 68 19.93 0.75 7.70
C VAL B 68 19.07 0.14 8.80
N ALA B 69 17.83 0.59 8.91
CA ALA B 69 16.75 -0.08 9.66
C ALA B 69 15.79 -0.65 8.62
N ILE B 70 15.35 -1.88 8.85
CA ILE B 70 14.44 -2.59 7.92
C ILE B 70 13.21 -3.00 8.71
N LYS B 71 12.06 -2.45 8.30
CA LYS B 71 10.72 -2.82 8.81
C LYS B 71 10.13 -3.83 7.84
N GLU B 72 9.80 -5.03 8.33
CA GLU B 72 9.26 -6.12 7.49
C GLU B 72 7.80 -6.36 7.87
N LEU B 73 6.92 -6.30 6.87
CA LEU B 73 5.50 -6.73 6.95
C LEU B 73 5.47 -8.21 7.33
N ARG B 74 4.76 -8.54 8.42
CA ARG B 74 4.53 -9.91 8.92
C ARG B 74 3.42 -10.57 8.08
N GLU B 75 2.28 -9.90 7.95
CA GLU B 75 1.06 -10.44 7.30
C GLU B 75 1.22 -10.22 5.79
N ALA B 76 2.20 -10.90 5.22
CA ALA B 76 2.63 -10.82 3.81
C ALA B 76 1.42 -10.74 2.86
N THR B 77 0.39 -11.54 3.11
CA THR B 77 -0.72 -11.82 2.16
C THR B 77 -1.98 -11.02 2.52
N SER B 78 -1.98 -10.33 3.66
CA SER B 78 -3.12 -9.50 4.13
C SER B 78 -3.30 -8.30 3.20
N PRO B 79 -4.44 -8.19 2.49
CA PRO B 79 -4.72 -7.01 1.67
C PRO B 79 -4.72 -5.73 2.53
N LYS B 80 -5.30 -5.78 3.73
CA LYS B 80 -5.35 -4.59 4.63
C LYS B 80 -3.92 -4.23 5.06
N ALA B 81 -3.13 -5.20 5.53
CA ALA B 81 -1.77 -4.94 6.04
C ALA B 81 -0.90 -4.43 4.88
N ASN B 82 -1.05 -4.98 3.68
CA ASN B 82 -0.32 -4.48 2.49
C ASN B 82 -0.70 -3.02 2.22
N LYS B 83 -1.99 -2.67 2.34
CA LYS B 83 -2.46 -1.28 2.13
C LYS B 83 -1.77 -0.36 3.15
N GLU B 84 -1.67 -0.77 4.40
CA GLU B 84 -1.20 0.12 5.49
C GLU B 84 0.28 0.45 5.26
N ILE B 85 1.12 -0.53 4.97
CA ILE B 85 2.59 -0.33 4.83
C ILE B 85 2.87 0.38 3.50
N LEU B 86 2.04 0.20 2.47
CA LEU B 86 2.24 0.88 1.16
C LEU B 86 1.77 2.35 1.27
N ASP B 87 0.74 2.64 2.06
CA ASP B 87 0.35 4.06 2.38
C ASP B 87 1.45 4.70 3.23
N GLU B 88 1.97 3.98 4.22
CA GLU B 88 3.08 4.47 5.09
C GLU B 88 4.28 4.84 4.22
N ALA B 89 4.75 3.91 3.41
CA ALA B 89 5.89 4.06 2.48
C ALA B 89 5.68 5.29 1.60
N TYR B 90 4.50 5.43 0.97
CA TYR B 90 4.13 6.58 0.11
C TYR B 90 4.33 7.89 0.89
N VAL B 91 3.69 8.07 2.06
CA VAL B 91 3.80 9.34 2.85
C VAL B 91 5.28 9.53 3.26
N MET B 92 5.94 8.49 3.76
CA MET B 92 7.30 8.60 4.36
C MET B 92 8.33 8.92 3.27
N ALA B 93 8.05 8.63 2.01
CA ALA B 93 9.00 8.87 0.89
C ALA B 93 8.91 10.35 0.46
N SER B 94 7.79 11.00 0.81
CA SER B 94 7.41 12.37 0.37
C SER B 94 7.99 13.44 1.31
N VAL B 95 8.77 13.05 2.34
CA VAL B 95 9.17 13.96 3.46
C VAL B 95 10.69 14.07 3.47
N ASP B 96 11.16 15.32 3.37
CA ASP B 96 12.60 15.66 3.37
C ASP B 96 12.78 16.82 4.35
N ASN B 97 13.16 16.50 5.59
CA ASN B 97 13.34 17.50 6.69
C ASN B 97 14.28 16.88 7.72
N PRO B 98 15.11 17.70 8.42
CA PRO B 98 16.01 17.18 9.45
C PRO B 98 15.35 16.62 10.71
N HIS B 99 14.07 16.92 10.96
CA HIS B 99 13.34 16.42 12.15
C HIS B 99 12.19 15.49 11.76
N VAL B 100 12.26 14.88 10.58
CA VAL B 100 11.32 13.81 10.13
C VAL B 100 12.14 12.68 9.47
N CYS B 101 11.64 11.46 9.62
CA CYS B 101 12.26 10.24 9.07
C CYS B 101 11.79 10.03 7.64
N ARG B 102 12.73 9.93 6.70
CA ARG B 102 12.44 9.68 5.27
C ARG B 102 12.59 8.18 5.04
N LEU B 103 11.84 7.66 4.07
CA LEU B 103 12.02 6.31 3.52
C LEU B 103 13.17 6.35 2.51
N LEU B 104 14.24 5.60 2.79
CA LEU B 104 15.39 5.44 1.89
C LEU B 104 14.95 4.55 0.73
N GLY B 105 14.31 3.42 1.03
CA GLY B 105 13.86 2.48 -0.02
C GLY B 105 12.80 1.51 0.44
N ILE B 106 12.31 0.72 -0.52
CA ILE B 106 11.30 -0.36 -0.33
C ILE B 106 11.77 -1.62 -1.09
N CYS B 107 11.61 -2.79 -0.48
CA CYS B 107 11.79 -4.11 -1.13
C CYS B 107 10.41 -4.76 -1.23
N LEU B 108 10.05 -5.26 -2.41
CA LEU B 108 8.78 -5.98 -2.68
C LEU B 108 9.13 -7.41 -3.09
N THR B 109 8.66 -8.39 -2.30
CA THR B 109 8.83 -9.84 -2.52
C THR B 109 7.47 -10.50 -2.31
N SER B 110 7.41 -11.60 -1.55
CA SER B 110 6.14 -12.17 -1.04
C SER B 110 5.59 -11.25 0.06
N THR B 111 6.46 -10.36 0.58
CA THR B 111 6.11 -9.31 1.58
C THR B 111 6.73 -7.97 1.20
N VAL B 112 6.50 -6.95 2.03
CA VAL B 112 7.04 -5.56 1.89
C VAL B 112 8.09 -5.34 2.98
N GLN B 113 9.20 -4.70 2.65
CA GLN B 113 10.22 -4.22 3.63
C GLN B 113 10.52 -2.74 3.34
N LEU B 114 10.34 -1.89 4.35
CA LEU B 114 10.71 -0.47 4.28
C LEU B 114 12.18 -0.39 4.66
N ILE B 115 13.00 0.26 3.83
CA ILE B 115 14.42 0.57 4.20
C ILE B 115 14.43 1.98 4.75
N MET B 116 14.87 2.14 5.99
CA MET B 116 14.80 3.43 6.70
C MET B 116 16.16 3.68 7.36
N GLN B 117 16.38 4.93 7.79
CA GLN B 117 17.61 5.34 8.49
C GLN B 117 17.66 4.63 9.84
N LEU B 118 18.82 4.07 10.20
CA LEU B 118 19.08 3.50 11.54
C LEU B 118 19.24 4.65 12.52
N MET B 119 18.41 4.69 13.56
CA MET B 119 18.43 5.74 14.61
C MET B 119 19.04 5.13 15.86
N PRO B 120 20.38 5.24 16.04
CA PRO B 120 21.11 4.45 17.04
C PRO B 120 20.57 4.40 18.49
N PHE B 121 19.75 5.36 18.92
CA PHE B 121 19.28 5.44 20.32
C PHE B 121 17.78 5.12 20.41
N GLY B 122 17.21 4.52 19.36
CA GLY B 122 15.82 4.04 19.33
C GLY B 122 14.84 5.19 19.56
N CYS B 123 13.69 4.90 20.16
CA CYS B 123 12.58 5.90 20.30
C CYS B 123 12.79 6.73 21.56
N LEU B 124 12.27 7.95 21.52
CA LEU B 124 12.39 8.97 22.58
C LEU B 124 11.69 8.48 23.85
N LEU B 125 10.59 7.73 23.73
CA LEU B 125 9.86 7.26 24.94
C LEU B 125 10.74 6.28 25.73
N ASP B 126 11.30 5.26 25.09
CA ASP B 126 12.26 4.33 25.75
C ASP B 126 13.43 5.16 26.30
N TYR B 127 13.98 6.08 25.49
CA TYR B 127 15.14 6.92 25.86
C TYR B 127 14.89 7.72 27.15
N VAL B 128 13.80 8.49 27.24
CA VAL B 128 13.55 9.32 28.45
C VAL B 128 13.30 8.44 29.67
N ARG B 129 12.67 7.27 29.49
CA ARG B 129 12.49 6.27 30.58
C ARG B 129 13.86 5.75 31.05
N GLU B 130 14.72 5.37 30.11
CA GLU B 130 16.01 4.69 30.40
C GLU B 130 17.06 5.70 30.91
N HIS B 131 17.00 6.97 30.49
CA HIS B 131 18.07 7.97 30.76
C HIS B 131 17.55 9.13 31.62
N LYS B 132 16.49 8.95 32.40
CA LYS B 132 15.79 10.05 33.13
C LYS B 132 16.77 10.78 34.07
N ASP B 133 17.67 10.04 34.72
CA ASP B 133 18.54 10.54 35.81
C ASP B 133 19.68 11.40 35.25
N ASN B 134 19.76 11.54 33.91
CA ASN B 134 20.85 12.27 33.20
C ASN B 134 20.27 13.24 32.16
N ILE B 135 18.94 13.34 32.04
CA ILE B 135 18.30 14.26 31.06
C ILE B 135 18.07 15.60 31.77
N GLY B 136 18.70 16.66 31.25
CA GLY B 136 18.53 18.03 31.75
C GLY B 136 17.49 18.81 30.97
N SER B 137 17.17 20.00 31.47
CA SER B 137 16.14 20.94 30.95
C SER B 137 16.46 21.32 29.50
N GLN B 138 17.74 21.45 29.17
CA GLN B 138 18.21 21.93 27.83
C GLN B 138 17.84 20.89 26.75
N TYR B 139 17.99 19.60 27.06
CA TYR B 139 17.68 18.47 26.14
C TYR B 139 16.16 18.41 25.95
N LEU B 140 15.42 18.45 27.06
CA LEU B 140 13.94 18.35 27.06
C LEU B 140 13.32 19.44 26.19
N LEU B 141 13.79 20.69 26.31
CA LEU B 141 13.18 21.85 25.61
C LEU B 141 13.66 21.87 24.15
N ASN B 142 14.87 21.39 23.88
CA ASN B 142 15.39 21.24 22.50
C ASN B 142 14.53 20.22 21.76
N TRP B 143 14.17 19.11 22.42
CA TRP B 143 13.34 18.04 21.80
C TRP B 143 12.00 18.64 21.39
N CYS B 144 11.41 19.41 22.30
CA CYS B 144 10.11 20.13 22.12
C CYS B 144 10.19 21.03 20.87
N VAL B 145 11.27 21.80 20.73
CA VAL B 145 11.50 22.66 19.55
C VAL B 145 11.59 21.77 18.31
N GLN B 146 12.43 20.74 18.38
CA GLN B 146 12.74 19.86 17.24
C GLN B 146 11.46 19.18 16.74
N ILE B 147 10.62 18.69 17.67
CA ILE B 147 9.35 18.00 17.30
C ILE B 147 8.37 19.02 16.71
N ALA B 148 8.33 20.25 17.23
CA ALA B 148 7.45 21.32 16.71
C ALA B 148 7.91 21.70 15.30
N LYS B 149 9.21 21.85 15.09
CA LYS B 149 9.82 22.17 13.76
C LYS B 149 9.39 21.11 12.75
N GLY B 150 9.49 19.84 13.12
CA GLY B 150 9.13 18.70 12.27
C GLY B 150 7.65 18.68 11.99
N MET B 151 6.81 18.94 13.01
CA MET B 151 5.34 18.96 12.83
C MET B 151 4.97 20.14 11.94
N ASN B 152 5.62 21.29 12.17
CA ASN B 152 5.45 22.51 11.34
C ASN B 152 5.78 22.18 9.89
N TYR B 153 6.89 21.47 9.65
CA TYR B 153 7.25 20.94 8.30
C TYR B 153 6.10 20.11 7.75
N LEU B 154 5.59 19.15 8.52
CA LEU B 154 4.51 18.26 8.02
C LEU B 154 3.28 19.11 7.69
N GLU B 155 2.88 20.05 8.56
CA GLU B 155 1.76 20.99 8.29
C GLU B 155 1.97 21.64 6.91
N ASP B 156 3.16 22.21 6.68
CA ASP B 156 3.53 22.92 5.43
C ASP B 156 3.42 21.98 4.21
N ARG B 157 3.64 20.67 4.39
CA ARG B 157 3.51 19.62 3.35
C ARG B 157 2.08 19.07 3.31
N ARG B 158 1.16 19.62 4.11
CA ARG B 158 -0.29 19.29 4.12
C ARG B 158 -0.54 17.90 4.74
N LEU B 159 0.40 17.39 5.56
CA LEU B 159 0.28 16.07 6.24
C LEU B 159 -0.30 16.28 7.63
N VAL B 160 -1.36 15.54 7.94
CA VAL B 160 -1.85 15.31 9.32
C VAL B 160 -1.31 13.94 9.77
N HIS B 161 -0.45 13.93 10.80
CA HIS B 161 0.28 12.73 11.30
C HIS B 161 -0.73 11.73 11.86
N ARG B 162 -1.56 12.19 12.80
CA ARG B 162 -2.65 11.41 13.45
C ARG B 162 -2.08 10.39 14.45
N ASP B 163 -0.77 10.37 14.68
CA ASP B 163 -0.16 9.37 15.59
C ASP B 163 1.09 9.96 16.23
N LEU B 164 1.10 11.27 16.48
CA LEU B 164 2.23 11.88 17.20
C LEU B 164 2.15 11.41 18.65
N ALA B 165 3.29 10.90 19.15
CA ALA B 165 3.49 10.29 20.49
C ALA B 165 5.00 10.11 20.69
N ALA B 166 5.45 10.04 21.94
CA ALA B 166 6.89 9.90 22.26
C ALA B 166 7.46 8.59 21.64
N ARG B 167 6.64 7.54 21.53
CA ARG B 167 7.03 6.23 20.91
C ARG B 167 7.31 6.39 19.40
N ASN B 168 6.82 7.46 18.77
CA ASN B 168 6.90 7.70 17.30
C ASN B 168 7.92 8.82 17.02
N VAL B 169 8.72 9.19 18.02
CA VAL B 169 9.86 10.12 17.88
C VAL B 169 11.13 9.29 18.12
N LEU B 170 12.05 9.27 17.17
CA LEU B 170 13.29 8.45 17.24
C LEU B 170 14.49 9.36 17.46
N VAL B 171 15.52 8.80 18.10
CA VAL B 171 16.72 9.54 18.59
C VAL B 171 17.92 9.14 17.72
N LYS B 172 18.36 10.06 16.84
CA LYS B 172 19.56 9.89 15.99
C LYS B 172 20.81 10.02 16.85
N THR B 173 20.91 11.13 17.59
CA THR B 173 21.81 11.36 18.75
C THR B 173 20.95 11.93 19.87
N PRO B 174 21.40 11.93 21.15
CA PRO B 174 20.64 12.57 22.21
C PRO B 174 20.20 14.01 21.90
N GLN B 175 20.93 14.70 21.02
CA GLN B 175 20.74 16.13 20.68
C GLN B 175 19.86 16.30 19.43
N HIS B 176 19.48 15.21 18.76
CA HIS B 176 18.80 15.25 17.43
C HIS B 176 17.75 14.13 17.30
N VAL B 177 16.47 14.49 17.42
CA VAL B 177 15.34 13.54 17.26
C VAL B 177 14.60 13.83 15.95
N LYS B 178 13.87 12.84 15.47
CA LYS B 178 13.04 12.94 14.24
C LYS B 178 11.69 12.25 14.46
N ILE B 179 10.62 12.88 13.97
CA ILE B 179 9.25 12.30 13.93
C ILE B 179 9.26 11.17 12.90
N THR B 180 8.61 10.06 13.22
CA THR B 180 8.39 8.96 12.26
C THR B 180 6.99 8.34 12.45
N ASP B 181 6.76 7.24 11.72
CA ASP B 181 5.58 6.36 11.86
C ASP B 181 4.41 7.05 11.16
N PHE B 182 4.35 6.91 9.84
CA PHE B 182 3.34 7.60 8.99
C PHE B 182 2.19 6.65 8.64
N GLY B 183 2.13 5.51 9.33
CA GLY B 183 1.07 4.49 9.16
C GLY B 183 -0.34 5.05 9.29
N ARG B 184 -0.55 6.18 10.00
CA ARG B 184 -1.86 6.85 10.13
C ARG B 184 -1.89 8.22 9.42
N ALA B 185 -0.78 8.65 8.80
CA ALA B 185 -0.63 9.99 8.20
C ALA B 185 -1.56 10.13 6.99
N LYS B 186 -2.20 11.29 6.86
CA LYS B 186 -3.10 11.60 5.72
C LYS B 186 -2.68 12.94 5.11
N LEU B 187 -2.52 12.91 3.78
CA LEU B 187 -2.19 14.07 2.92
C LEU B 187 -3.50 14.80 2.58
N LEU B 188 -3.68 16.02 3.08
CA LEU B 188 -4.82 16.91 2.75
C LEU B 188 -4.65 17.53 1.35
N GLY B 189 -5.74 17.61 0.57
CA GLY B 189 -5.84 18.48 -0.62
C GLY B 189 -5.55 19.94 -0.28
N ALA B 190 -5.19 20.75 -1.28
CA ALA B 190 -4.88 22.19 -1.09
C ALA B 190 -6.12 22.88 -0.49
N GLU B 191 -5.92 23.59 0.64
CA GLU B 191 -6.92 24.42 1.37
C GLU B 191 -8.01 23.55 2.03
N GLU B 192 -7.90 22.22 1.93
CA GLU B 192 -8.66 21.22 2.75
C GLU B 192 -8.17 21.37 4.20
N LYS B 193 -9.09 21.42 5.17
CA LYS B 193 -8.77 21.75 6.59
C LYS B 193 -8.80 20.47 7.43
N GLU B 194 -9.67 19.51 7.11
CA GLU B 194 -9.86 18.31 7.96
C GLU B 194 -9.89 17.02 7.13
N TYR B 195 -9.47 15.93 7.77
CA TYR B 195 -9.61 14.52 7.30
C TYR B 195 -10.65 13.81 8.18
N HIS B 196 -11.70 13.23 7.59
CA HIS B 196 -12.73 12.41 8.30
C HIS B 196 -12.37 10.93 8.17
N ALA B 197 -11.98 10.30 9.28
CA ALA B 197 -11.50 8.91 9.33
C ALA B 197 -12.70 7.98 9.40
N GLU B 198 -12.52 6.74 8.94
CA GLU B 198 -13.47 5.62 9.12
C GLU B 198 -13.24 5.03 10.51
N GLY B 199 -13.83 3.87 10.80
CA GLY B 199 -13.61 3.13 12.05
C GLY B 199 -12.27 2.43 12.04
N GLY B 200 -11.81 2.01 13.21
CA GLY B 200 -10.49 1.39 13.42
C GLY B 200 -10.02 1.60 14.84
N LYS B 201 -8.96 0.91 15.24
CA LYS B 201 -8.31 1.08 16.56
C LYS B 201 -7.53 2.39 16.53
N VAL B 202 -7.76 3.26 17.51
CA VAL B 202 -7.19 4.65 17.54
C VAL B 202 -6.48 4.88 18.87
N PRO B 203 -5.36 5.63 18.86
CA PRO B 203 -4.63 5.94 20.09
C PRO B 203 -5.37 7.01 20.89
N ILE B 204 -6.43 6.59 21.59
CA ILE B 204 -7.41 7.49 22.27
C ILE B 204 -6.64 8.50 23.12
N LYS B 205 -5.65 8.04 23.91
CA LYS B 205 -5.07 8.86 24.99
C LYS B 205 -4.22 10.00 24.43
N TRP B 206 -3.93 10.01 23.12
CA TRP B 206 -3.17 11.07 22.43
C TRP B 206 -4.06 11.93 21.51
N MET B 207 -5.35 11.61 21.39
CA MET B 207 -6.26 12.23 20.40
C MET B 207 -7.03 13.41 21.00
N ALA B 208 -7.22 14.45 20.18
CA ALA B 208 -8.07 15.61 20.51
C ALA B 208 -9.50 15.09 20.68
N LEU B 209 -10.32 15.81 21.43
CA LEU B 209 -11.71 15.40 21.74
C LEU B 209 -12.50 15.21 20.44
N GLU B 210 -12.39 16.15 19.49
CA GLU B 210 -13.19 16.13 18.24
C GLU B 210 -12.81 14.88 17.44
N SER B 211 -11.54 14.44 17.53
CA SER B 211 -11.02 13.22 16.88
C SER B 211 -11.68 11.99 17.50
N ILE B 212 -11.78 11.94 18.83
CA ILE B 212 -12.43 10.80 19.55
C ILE B 212 -13.91 10.78 19.15
N LEU B 213 -14.61 11.88 19.39
CA LEU B 213 -16.08 11.98 19.22
C LEU B 213 -16.47 11.86 17.73
N HIS B 214 -15.82 12.60 16.83
CA HIS B 214 -16.33 12.88 15.44
C HIS B 214 -15.38 12.36 14.34
N ARG B 215 -14.27 11.73 14.71
CA ARG B 215 -13.26 11.16 13.77
C ARG B 215 -12.68 12.26 12.88
N ILE B 216 -12.62 13.49 13.39
CA ILE B 216 -12.09 14.66 12.64
C ILE B 216 -10.65 14.90 13.09
N TYR B 217 -9.73 14.87 12.13
CA TYR B 217 -8.29 15.13 12.34
C TYR B 217 -7.88 16.35 11.51
N THR B 218 -7.10 17.23 12.12
CA THR B 218 -6.49 18.41 11.48
C THR B 218 -5.07 18.59 12.02
N HIS B 219 -4.39 19.64 11.58
CA HIS B 219 -3.09 20.10 12.11
C HIS B 219 -3.25 20.43 13.60
N GLN B 220 -4.45 20.88 13.99
CA GLN B 220 -4.76 21.31 15.38
C GLN B 220 -5.02 20.08 16.26
N SER B 221 -5.57 18.98 15.74
CA SER B 221 -5.65 17.69 16.48
C SER B 221 -4.23 17.16 16.70
N ASP B 222 -3.35 17.35 15.72
CA ASP B 222 -1.90 17.00 15.80
C ASP B 222 -1.29 17.83 16.93
N VAL B 223 -1.72 19.09 17.11
CA VAL B 223 -1.23 19.98 18.20
C VAL B 223 -1.66 19.43 19.56
N TRP B 224 -2.86 18.86 19.68
CA TRP B 224 -3.28 18.16 20.92
C TRP B 224 -2.31 17.00 21.17
N SER B 225 -2.07 16.16 20.16
CA SER B 225 -1.16 15.00 20.26
C SER B 225 0.23 15.46 20.70
N TYR B 226 0.70 16.58 20.15
CA TYR B 226 2.02 17.19 20.47
C TYR B 226 2.05 17.55 21.97
N GLY B 227 0.98 18.16 22.51
CA GLY B 227 0.85 18.48 23.93
C GLY B 227 1.04 17.24 24.82
N VAL B 228 0.35 16.15 24.52
CA VAL B 228 0.54 14.84 25.22
C VAL B 228 2.00 14.39 25.06
N THR B 229 2.59 14.54 23.87
CA THR B 229 3.98 14.11 23.60
C THR B 229 4.94 14.89 24.51
N VAL B 230 4.79 16.21 24.57
CA VAL B 230 5.63 17.04 25.50
C VAL B 230 5.43 16.51 26.92
N TRP B 231 4.19 16.14 27.27
CA TRP B 231 3.81 15.64 28.62
C TRP B 231 4.52 14.31 28.92
N GLU B 232 4.56 13.40 27.94
CA GLU B 232 5.33 12.13 28.03
C GLU B 232 6.79 12.41 28.34
N LEU B 233 7.38 13.39 27.63
CA LEU B 233 8.81 13.78 27.81
C LEU B 233 9.00 14.37 29.21
N MET B 234 8.20 15.38 29.59
CA MET B 234 8.38 16.11 30.88
C MET B 234 8.17 15.17 32.08
N THR B 235 7.47 14.04 31.92
CA THR B 235 7.26 13.03 32.99
C THR B 235 8.21 11.84 32.87
N PHE B 236 9.26 11.97 32.06
CA PHE B 236 10.25 10.89 31.73
C PHE B 236 9.51 9.58 31.43
N GLY B 237 8.38 9.65 30.73
CA GLY B 237 7.76 8.49 30.07
C GLY B 237 6.54 7.94 30.80
N SER B 238 5.88 8.72 31.65
CA SER B 238 4.60 8.30 32.28
C SER B 238 3.60 8.00 31.17
N LYS B 239 2.75 6.98 31.34
CA LYS B 239 1.59 6.71 30.48
C LYS B 239 0.52 7.77 30.75
N PRO B 240 -0.07 8.40 29.72
CA PRO B 240 -1.10 9.39 29.93
C PRO B 240 -2.37 8.78 30.58
N TYR B 241 -3.02 9.53 31.49
CA TYR B 241 -4.27 9.12 32.15
C TYR B 241 -4.07 7.70 32.69
N ASP B 242 -3.06 7.54 33.57
CA ASP B 242 -2.63 6.22 34.11
C ASP B 242 -3.79 5.61 34.90
N GLY B 243 -4.26 4.44 34.47
CA GLY B 243 -5.34 3.68 35.13
C GLY B 243 -6.67 3.85 34.41
N ILE B 244 -6.98 5.08 33.99
CA ILE B 244 -8.28 5.44 33.35
C ILE B 244 -8.35 4.68 32.03
N PRO B 245 -9.42 3.88 31.79
CA PRO B 245 -9.55 3.15 30.53
C PRO B 245 -9.96 4.10 29.40
N ALA B 246 -9.51 3.82 28.18
CA ALA B 246 -9.65 4.69 26.99
C ALA B 246 -11.11 5.14 26.83
N SER B 247 -12.06 4.24 27.15
CA SER B 247 -13.53 4.41 26.99
C SER B 247 -14.04 5.56 27.86
N GLU B 248 -13.36 5.86 28.96
CA GLU B 248 -13.72 6.94 29.95
C GLU B 248 -13.08 8.30 29.59
N ILE B 249 -12.23 8.35 28.55
CA ILE B 249 -11.36 9.53 28.27
C ILE B 249 -12.18 10.69 27.72
N SER B 250 -13.04 10.45 26.71
CA SER B 250 -13.90 11.51 26.11
C SER B 250 -14.74 12.15 27.21
N SER B 251 -15.18 11.36 28.19
CA SER B 251 -16.00 11.83 29.35
C SER B 251 -15.16 12.76 30.23
N ILE B 252 -13.95 12.35 30.60
CA ILE B 252 -13.10 13.17 31.54
C ILE B 252 -12.64 14.44 30.79
N LEU B 253 -12.36 14.39 29.49
CA LEU B 253 -12.02 15.59 28.67
C LEU B 253 -13.19 16.58 28.65
N GLU B 254 -14.42 16.08 28.41
CA GLU B 254 -15.67 16.90 28.38
C GLU B 254 -15.90 17.59 29.74
N LYS B 255 -15.57 16.94 30.86
CA LYS B 255 -15.63 17.52 32.23
C LYS B 255 -14.46 18.50 32.49
N GLY B 256 -13.59 18.74 31.51
CA GLY B 256 -12.46 19.69 31.63
C GLY B 256 -11.24 19.09 32.33
N GLU B 257 -11.23 17.79 32.61
CA GLU B 257 -10.04 17.11 33.19
C GLU B 257 -8.98 16.98 32.08
N ARG B 258 -7.72 17.26 32.41
CA ARG B 258 -6.56 17.14 31.51
C ARG B 258 -5.44 16.43 32.28
N LEU B 259 -4.34 16.15 31.58
CA LEU B 259 -3.14 15.51 32.15
C LEU B 259 -2.58 16.44 33.22
N PRO B 260 -2.03 15.88 34.34
CA PRO B 260 -1.54 16.70 35.44
C PRO B 260 -0.25 17.42 35.07
N GLN B 261 0.07 18.48 35.82
CA GLN B 261 1.35 19.21 35.67
C GLN B 261 2.47 18.27 36.09
N PRO B 262 3.44 17.97 35.19
CA PRO B 262 4.65 17.24 35.57
C PRO B 262 5.44 18.01 36.62
N PRO B 263 5.88 17.32 37.69
CA PRO B 263 6.73 17.93 38.72
C PRO B 263 7.82 18.88 38.24
N ILE B 264 8.51 18.58 37.14
CA ILE B 264 9.66 19.43 36.68
C ILE B 264 9.15 20.68 35.98
N CYS B 265 7.86 20.74 35.62
CA CYS B 265 7.29 21.85 34.80
C CYS B 265 6.97 23.06 35.68
N THR B 266 7.48 24.23 35.32
CA THR B 266 6.94 25.54 35.74
C THR B 266 5.61 25.75 35.04
N ILE B 267 4.76 26.62 35.58
CA ILE B 267 3.36 26.83 35.10
C ILE B 267 3.43 27.31 33.64
N ASP B 268 4.43 28.12 33.28
CA ASP B 268 4.62 28.62 31.88
C ASP B 268 4.66 27.45 30.88
N VAL B 269 5.36 26.35 31.19
CA VAL B 269 5.46 25.15 30.31
C VAL B 269 4.14 24.37 30.34
N TYR B 270 3.54 24.15 31.52
CA TYR B 270 2.23 23.46 31.67
C TYR B 270 1.09 24.24 30.98
N MET B 271 1.18 25.56 30.90
CA MET B 271 0.18 26.42 30.20
CA MET B 271 0.19 26.43 30.19
C MET B 271 0.23 26.16 28.67
N ILE B 272 1.43 26.03 28.09
CA ILE B 272 1.59 25.64 26.66
C ILE B 272 0.91 24.28 26.43
N MET B 273 1.13 23.32 27.32
CA MET B 273 0.51 21.98 27.26
C MET B 273 -1.01 22.13 27.33
N ARG B 274 -1.53 22.84 28.33
CA ARG B 274 -2.99 23.07 28.52
C ARG B 274 -3.58 23.78 27.29
N LYS B 275 -2.88 24.76 26.72
CA LYS B 275 -3.36 25.46 25.49
C LYS B 275 -3.54 24.43 24.38
N CYS B 276 -2.65 23.43 24.26
CA CYS B 276 -2.73 22.40 23.19
C CYS B 276 -3.99 21.55 23.38
N TRP B 277 -4.63 21.58 24.57
CA TRP B 277 -5.76 20.67 24.91
C TRP B 277 -7.07 21.45 25.09
N MET B 278 -7.16 22.65 24.49
CA MET B 278 -8.41 23.45 24.53
CA MET B 278 -8.40 23.46 24.52
C MET B 278 -9.43 22.79 23.59
N ILE B 279 -10.70 22.76 24.01
CA ILE B 279 -11.81 22.13 23.26
C ILE B 279 -11.81 22.72 21.86
N ASP B 280 -11.70 24.04 21.75
CA ASP B 280 -11.70 24.77 20.46
C ASP B 280 -10.32 24.63 19.80
N ALA B 281 -10.24 23.81 18.75
CA ALA B 281 -8.99 23.45 18.05
C ALA B 281 -8.25 24.70 17.56
N ASP B 282 -8.96 25.74 17.14
CA ASP B 282 -8.34 26.97 16.56
C ASP B 282 -7.74 27.85 17.67
N SER B 283 -8.16 27.68 18.93
CA SER B 283 -7.55 28.36 20.11
C SER B 283 -6.24 27.68 20.51
N ARG B 284 -6.02 26.44 20.08
CA ARG B 284 -4.76 25.74 20.37
C ARG B 284 -3.65 26.48 19.64
N PRO B 285 -2.42 26.45 20.19
CA PRO B 285 -1.29 27.10 19.53
C PRO B 285 -1.06 26.48 18.13
N LYS B 286 -0.27 27.17 17.31
CA LYS B 286 0.19 26.69 16.00
C LYS B 286 1.61 26.16 16.20
N PHE B 287 1.98 25.11 15.47
CA PHE B 287 3.35 24.54 15.55
C PHE B 287 4.38 25.67 15.44
N ARG B 288 4.18 26.64 14.54
CA ARG B 288 5.14 27.75 14.32
C ARG B 288 5.26 28.61 15.59
N GLU B 289 4.17 28.77 16.36
CA GLU B 289 4.18 29.50 17.65
C GLU B 289 4.93 28.65 18.68
N LEU B 290 4.62 27.34 18.73
CA LEU B 290 5.27 26.41 19.69
C LEU B 290 6.79 26.43 19.45
N ILE B 291 7.25 26.61 18.20
CA ILE B 291 8.71 26.68 17.89
C ILE B 291 9.28 27.96 18.53
N ILE B 292 8.61 29.09 18.36
CA ILE B 292 9.06 30.39 18.91
C ILE B 292 9.11 30.33 20.45
N GLU B 293 8.11 29.73 21.09
CA GLU B 293 7.92 29.74 22.56
C GLU B 293 8.87 28.73 23.24
N PHE B 294 8.99 27.50 22.71
CA PHE B 294 9.93 26.50 23.26
C PHE B 294 11.36 26.97 22.99
N SER B 295 11.61 27.63 21.85
CA SER B 295 12.96 28.14 21.50
C SER B 295 13.39 29.19 22.53
N LYS B 296 12.53 30.20 22.75
CA LYS B 296 12.69 31.21 23.83
C LYS B 296 13.08 30.51 25.14
N MET B 297 12.31 29.49 25.53
CA MET B 297 12.44 28.79 26.83
C MET B 297 13.77 28.03 26.86
N ALA B 298 14.21 27.48 25.72
CA ALA B 298 15.45 26.68 25.60
C ALA B 298 16.68 27.59 25.75
N ARG B 299 16.54 28.90 25.56
CA ARG B 299 17.65 29.88 25.78
C ARG B 299 17.89 30.09 27.28
N ASP B 300 16.94 29.75 28.16
CA ASP B 300 17.11 29.84 29.64
C ASP B 300 16.43 28.64 30.30
N PRO B 301 16.88 27.40 29.99
CA PRO B 301 16.08 26.21 30.25
C PRO B 301 15.73 25.97 31.73
N GLN B 302 16.62 26.37 32.65
CA GLN B 302 16.50 26.10 34.11
C GLN B 302 15.45 27.01 34.75
N ARG B 303 15.10 28.11 34.09
CA ARG B 303 13.99 29.02 34.51
C ARG B 303 12.63 28.34 34.32
N TYR B 304 12.52 27.39 33.37
CA TYR B 304 11.25 26.85 32.85
C TYR B 304 11.02 25.38 33.21
N LEU B 305 12.10 24.62 33.38
CA LEU B 305 12.05 23.25 33.96
C LEU B 305 12.96 23.22 35.19
N VAL B 306 12.46 22.69 36.30
CA VAL B 306 13.16 22.61 37.60
C VAL B 306 13.50 21.15 37.86
N ILE B 307 14.74 20.78 37.58
CA ILE B 307 15.28 19.39 37.68
C ILE B 307 16.43 19.41 38.69
N GLN B 308 16.42 18.51 39.67
CA GLN B 308 17.45 18.46 40.74
C GLN B 308 18.74 17.93 40.12
N GLY B 309 19.86 18.63 40.31
CA GLY B 309 21.17 18.26 39.75
C GLY B 309 21.22 18.50 38.26
N ASP B 310 20.37 19.40 37.75
CA ASP B 310 20.33 19.82 36.33
C ASP B 310 21.72 20.33 35.90
N GLU B 311 22.43 21.06 36.77
CA GLU B 311 23.72 21.73 36.44
C GLU B 311 24.82 20.69 36.19
N ARG B 312 24.71 19.48 36.76
CA ARG B 312 25.77 18.43 36.75
C ARG B 312 25.32 17.21 35.94
N MET B 313 24.35 17.36 35.05
CA MET B 313 23.78 16.24 34.25
C MET B 313 24.39 16.25 32.84
N HIS B 314 24.77 15.06 32.36
CA HIS B 314 25.55 14.84 31.11
C HIS B 314 24.93 13.67 30.34
N LEU B 315 24.82 13.82 29.03
CA LEU B 315 24.45 12.74 28.08
C LEU B 315 25.53 12.66 27.00
N PRO B 316 25.75 11.47 26.40
CA PRO B 316 26.70 11.35 25.29
C PRO B 316 26.57 12.48 24.27
N SER B 317 27.68 13.20 24.01
CA SER B 317 27.82 14.24 22.96
C SER B 317 27.68 13.58 21.60
N PRO B 318 27.55 14.35 20.49
CA PRO B 318 27.45 13.74 19.16
C PRO B 318 28.65 12.86 18.82
N THR B 319 29.84 13.20 19.33
CA THR B 319 31.10 12.45 19.06
CA THR B 319 31.11 12.46 19.07
C THR B 319 31.12 11.17 19.91
N ASP B 320 30.66 11.25 21.16
CA ASP B 320 30.51 10.09 22.08
C ASP B 320 29.46 9.13 21.51
N SER B 321 28.47 9.67 20.78
CA SER B 321 27.36 8.89 20.16
C SER B 321 27.92 8.07 18.99
N ASN B 322 28.72 8.71 18.12
CA ASN B 322 29.43 8.06 16.98
C ASN B 322 30.31 6.92 17.51
N PHE B 323 30.90 7.10 18.70
CA PHE B 323 31.73 6.10 19.40
C PHE B 323 30.84 4.90 19.75
N TYR B 324 29.80 5.12 20.57
CA TYR B 324 28.80 4.10 20.98
C TYR B 324 28.41 3.26 19.74
N ARG B 325 28.04 3.91 18.64
CA ARG B 325 27.73 3.24 17.34
C ARG B 325 28.86 2.27 17.04
N ALA B 326 30.08 2.81 16.88
CA ALA B 326 31.32 2.09 16.46
C ALA B 326 31.58 0.91 17.41
N LEU B 327 31.33 1.08 18.72
CA LEU B 327 31.49 0.01 19.74
C LEU B 327 30.47 -1.11 19.47
N MET B 328 29.19 -0.76 19.32
CA MET B 328 28.07 -1.71 19.15
C MET B 328 28.18 -2.35 17.77
N ASP B 329 28.52 -1.56 16.74
CA ASP B 329 28.76 -2.05 15.36
C ASP B 329 29.86 -3.12 15.39
N GLU B 330 30.92 -2.90 16.18
CA GLU B 330 32.10 -3.80 16.28
C GLU B 330 31.67 -5.16 16.85
N GLU B 331 30.95 -5.15 17.98
CA GLU B 331 30.52 -6.38 18.70
C GLU B 331 29.43 -7.10 17.90
N ASP B 332 28.54 -6.36 17.21
CA ASP B 332 27.50 -6.92 16.30
C ASP B 332 28.18 -7.62 15.12
N MET B 333 29.13 -6.95 14.47
CA MET B 333 29.89 -7.45 13.29
C MET B 333 30.75 -8.66 13.70
N ASP B 334 31.20 -8.71 14.96
CA ASP B 334 31.97 -9.86 15.52
C ASP B 334 31.03 -11.05 15.75
N ASP B 335 29.75 -10.80 16.10
CA ASP B 335 28.73 -11.86 16.33
C ASP B 335 28.32 -12.50 14.99
N VAL B 336 28.43 -11.75 13.89
CA VAL B 336 28.15 -12.24 12.50
C VAL B 336 29.28 -13.19 12.08
N VAL B 337 30.46 -13.09 12.72
CA VAL B 337 31.65 -13.93 12.42
C VAL B 337 31.55 -15.25 13.18
N ASP B 338 31.12 -15.24 14.45
CA ASP B 338 30.94 -16.48 15.28
C ASP B 338 29.48 -16.94 15.17
N ALA B 339 28.98 -17.03 13.93
CA ALA B 339 27.64 -17.56 13.59
C ALA B 339 27.68 -18.30 12.24
N ASP B 340 28.67 -18.00 11.38
CA ASP B 340 28.86 -18.63 10.06
C ASP B 340 29.72 -19.90 10.20
C1 GOL C . 8.09 -20.50 -33.72
O1 GOL C . 9.11 -21.04 -32.88
C2 GOL C . 6.72 -21.01 -33.32
O2 GOL C . 6.84 -22.36 -32.89
C3 GOL C . 6.07 -20.13 -32.26
O3 GOL C . 5.17 -20.83 -31.40
C1 GOL D . -2.83 2.58 -11.59
O1 GOL D . -3.48 1.34 -11.81
C2 GOL D . -3.63 3.75 -12.13
O2 GOL D . -3.64 3.71 -13.55
C3 GOL D . -3.18 5.10 -11.63
O3 GOL D . -1.76 5.19 -11.44
C1 GOL E . 3.32 3.57 -22.94
O1 GOL E . 4.02 4.54 -23.72
C2 GOL E . 4.20 3.00 -21.84
O2 GOL E . 3.38 2.53 -20.77
C3 GOL E . 5.09 1.87 -22.31
O3 GOL E . 4.40 0.62 -22.37
C1 QFO F . -8.41 -7.89 -8.76
C2 QFO F . -8.69 -7.21 -7.42
C3 QFO F . -7.42 -7.06 -6.59
C4 QFO F . -9.83 -7.89 -6.67
C5 QFO F . -9.53 -8.78 -5.65
N1 QFO F . -10.47 -9.44 -4.96
C6 QFO F . -11.77 -9.23 -5.22
N2 QFO F . -12.66 -9.97 -4.40
C7 QFO F . -14.10 -9.87 -4.24
C8 QFO F . -13.89 -11.04 -3.20
C9 QFO F . -14.33 -10.76 -1.77
S1 QFO F . -16.09 -10.79 -1.56
O1 QFO F . -16.38 -10.26 -0.28
O2 QFO F . -16.55 -12.10 -1.91
C10 QFO F . -16.75 -9.68 -2.75
C11 QFO F . -12.33 -11.00 -3.41
C12 QFO F . -12.20 -8.33 -6.26
C13 QFO F . -13.55 -8.07 -6.60
N3 QFO F . -13.92 -7.25 -7.57
C14 QFO F . -13.01 -6.57 -8.27
N4 QFO F . -13.54 -5.71 -9.23
C15 QFO F . -12.98 -5.13 -10.36
N5 QFO F . -11.66 -4.91 -10.41
C16 QFO F . -11.14 -4.36 -11.54
N6 QFO F . -11.87 -4.05 -12.63
C17 QFO F . -13.19 -4.27 -12.55
C18 QFO F . -13.80 -4.80 -11.44
N7 QFO F . -9.82 -4.13 -11.59
C19 QFO F . -9.18 -3.49 -12.76
C20 QFO F . -8.10 -2.51 -12.38
C21 QFO F . -7.10 -3.16 -11.45
O3 QFO F . -6.06 -2.22 -11.14
C22 QFO F . -7.82 -3.65 -10.19
C23 QFO F . -6.86 -4.33 -9.22
F1 QFO F . -8.44 -2.53 -9.57
C24 QFO F . -8.88 -4.66 -10.58
C25 QFO F . -11.61 -6.74 -8.01
C26 QFO F . -11.19 -7.65 -7.00
C1 GOL G . -0.37 -10.13 -2.11
O1 GOL G . 0.45 -10.99 -1.33
C2 GOL G . -1.15 -9.16 -1.25
O2 GOL G . -2.23 -9.86 -0.61
C3 GOL G . -1.69 -7.97 -2.02
O3 GOL G . -2.68 -7.25 -1.28
C1 GOL H . -7.66 22.82 28.45
O1 GOL H . -6.32 22.56 28.89
C2 GOL H . -8.41 23.82 29.31
O2 GOL H . -7.70 24.10 30.53
C3 GOL H . -9.82 23.38 29.63
O3 GOL H . -9.85 22.14 30.34
C1 GOL I . 1.05 -2.89 8.10
O1 GOL I . -0.03 -3.63 8.67
C2 GOL I . 1.59 -1.86 9.06
O2 GOL I . 2.45 -2.48 10.02
C3 GOL I . 2.33 -0.73 8.38
O3 GOL I . 1.49 0.37 8.07
C1 QFO J . 11.40 2.17 16.96
C2 QFO J . 12.02 0.88 16.44
C3 QFO J . 11.32 -0.36 17.02
C4 QFO J . 13.52 0.87 16.65
C5 QFO J . 14.06 0.27 17.79
N1 QFO J . 15.36 0.23 18.05
C6 QFO J . 16.23 0.80 17.20
N2 QFO J . 17.60 0.72 17.58
C7 QFO J . 18.81 0.99 16.84
C8 QFO J . 19.53 0.56 18.19
C9 QFO J . 20.41 -0.67 18.09
S1 QFO J . 22.00 -0.24 17.46
O1 QFO J . 22.72 -1.45 17.24
O2 QFO J . 22.54 0.76 18.35
C10 QFO J . 21.72 0.51 15.92
C11 QFO J . 18.14 0.28 18.87
C12 QFO J . 15.80 1.46 16.00
C13 QFO J . 16.66 2.09 15.06
N3 QFO J . 16.24 2.70 13.96
C14 QFO J . 14.93 2.72 13.69
N4 QFO J . 14.60 3.36 12.50
C15 QFO J . 13.40 3.84 12.01
N5 QFO J . 12.23 3.38 12.47
C16 QFO J . 11.09 3.90 11.94
N6 QFO J . 11.06 4.88 11.01
C17 QFO J . 12.25 5.31 10.55
C18 QFO J . 13.44 4.82 11.01
N7 QFO J . 9.91 3.46 12.41
C19 QFO J . 8.63 3.96 11.87
C20 QFO J . 7.64 2.84 11.63
C21 QFO J . 7.48 1.98 12.87
O3 QFO J . 6.56 0.91 12.58
C22 QFO J . 8.83 1.45 13.32
C23 QFO J . 8.72 0.56 14.55
F1 QFO J . 9.36 0.63 12.29
C24 QFO J . 9.80 2.59 13.58
C25 QFO J . 13.98 2.13 14.53
C26 QFO J . 14.41 1.49 15.72
#